data_2ZC8
#
_entry.id   2ZC8
#
_cell.length_a   136.709
_cell.length_b   136.709
_cell.length_c   86.664
_cell.angle_alpha   90.00
_cell.angle_beta   90.00
_cell.angle_gamma   90.00
#
_symmetry.space_group_name_H-M   'I 4'
#
loop_
_entity.id
_entity.type
_entity.pdbx_description
1 polymer 'N-acylamino acid racemase'
2 water water
#
_entity_poly.entity_id   1
_entity_poly.type   'polypeptide(L)'
_entity_poly.pdbx_seq_one_letter_code
;MRIEAAELRILELPLKFRFETSFGVQTKRTILLLRLFGEGLEGLGEGVMERLPLYREETVAGARYLLEEVFLPRVLGRDL
PNPEALREALAPFRGNPMAKAVLEMAFFDLWAKALGRPLWQVLGGVRQAVEVGVSLGIQPSVEDTLRVVERHLEEGYRRI
KLKIKPGWDYEVLKAVREAFPEATLTADANSAYSLANLAQLKRLDELRLDYIEQPLAYDDLLDHAKLQRELSTPICLDES
LTGAEKARKAIELGAGRVFNVKPARLGGHGESLRVHALAESAGIPLWMGGMLEAGVGRAHNLHLATLPGFTKPGDVSSAS
RYWEEDIVEEALEAKDGLMPVPEGVGIGVHLKLPFVERVTLWQRYMSAS
;
_entity_poly.pdbx_strand_id   A,B
#
# COMPACT_ATOMS: atom_id res chain seq x y z
N MET A 1 0.65 30.28 4.08
CA MET A 1 2.07 30.02 4.45
C MET A 1 2.82 29.54 3.22
N ARG A 2 3.99 30.13 2.97
CA ARG A 2 4.80 29.71 1.84
C ARG A 2 6.02 29.02 2.47
N ILE A 3 6.25 27.75 2.12
CA ILE A 3 7.39 27.02 2.65
C ILE A 3 8.60 27.51 1.83
N GLU A 4 9.55 28.10 2.51
CA GLU A 4 10.75 28.67 1.90
C GLU A 4 11.87 27.69 1.71
N ALA A 5 11.97 26.72 2.62
CA ALA A 5 13.05 25.72 2.59
C ALA A 5 12.62 24.54 3.44
N ALA A 6 13.33 23.44 3.31
CA ALA A 6 13.07 22.22 4.07
C ALA A 6 14.36 21.47 4.21
N GLU A 7 14.53 20.81 5.35
CA GLU A 7 15.71 19.99 5.58
C GLU A 7 15.25 18.59 5.98
N LEU A 8 15.66 17.58 5.23
CA LEU A 8 15.28 16.21 5.56
C LEU A 8 16.52 15.47 6.09
N ARG A 9 16.37 14.70 7.16
CA ARG A 9 17.47 13.92 7.71
C ARG A 9 17.03 12.51 8.00
N ILE A 10 17.97 11.59 7.95
CA ILE A 10 17.69 10.24 8.39
C ILE A 10 18.57 10.10 9.64
N LEU A 11 17.96 9.78 10.78
CA LEU A 11 18.70 9.63 12.03
C LEU A 11 18.68 8.19 12.47
N GLU A 12 19.67 7.81 13.26
CA GLU A 12 19.67 6.47 13.82
C GLU A 12 19.73 6.74 15.32
N LEU A 13 18.65 6.40 16.01
CA LEU A 13 18.55 6.67 17.46
C LEU A 13 18.47 5.38 18.28
N PRO A 14 19.44 5.17 19.19
CA PRO A 14 19.43 3.94 20.00
C PRO A 14 18.28 3.78 20.98
N LEU A 15 17.74 2.57 21.05
CA LEU A 15 16.67 2.27 21.96
C LEU A 15 17.21 1.78 23.30
N LYS A 16 16.60 2.22 24.39
CA LYS A 16 17.03 1.77 25.72
C LYS A 16 16.80 0.29 25.87
N PHE A 17 15.72 -0.19 25.28
CA PHE A 17 15.38 -1.60 25.35
C PHE A 17 15.50 -2.22 23.96
N ARG A 18 15.31 -3.53 23.88
CA ARG A 18 15.39 -4.23 22.61
C ARG A 18 14.09 -5.01 22.49
N PHE A 19 13.41 -4.88 21.36
CA PHE A 19 12.14 -5.59 21.19
C PHE A 19 12.12 -6.45 19.93
N GLU A 20 11.44 -7.60 20.02
CA GLU A 20 11.34 -8.54 18.92
C GLU A 20 10.23 -8.19 17.92
N THR A 21 10.53 -8.42 16.64
CA THR A 21 9.57 -8.14 15.58
C THR A 21 9.40 -9.39 14.73
N SER A 22 8.69 -9.23 13.62
CA SER A 22 8.42 -10.33 12.70
C SER A 22 9.63 -10.65 11.81
N PHE A 23 10.77 -10.04 12.13
CA PHE A 23 12.00 -10.28 11.36
C PHE A 23 13.24 -10.12 12.24
N GLY A 24 13.26 -10.82 13.38
CA GLY A 24 14.36 -10.73 14.31
C GLY A 24 14.03 -9.73 15.40
N VAL A 25 15.05 -9.23 16.09
CA VAL A 25 14.81 -8.25 17.14
C VAL A 25 15.42 -6.91 16.74
N GLN A 26 14.69 -5.83 17.03
CA GLN A 26 15.12 -4.47 16.72
C GLN A 26 15.68 -3.80 17.98
N THR A 27 16.73 -2.98 17.80
CA THR A 27 17.37 -2.31 18.92
C THR A 27 17.61 -0.81 18.68
N LYS A 28 17.18 -0.33 17.51
CA LYS A 28 17.36 1.09 17.20
C LYS A 28 16.31 1.56 16.21
N ARG A 29 16.09 2.87 16.19
CA ARG A 29 15.15 3.41 15.25
C ARG A 29 15.83 4.23 14.18
N THR A 30 15.42 4.01 12.94
CA THR A 30 15.94 4.79 11.83
C THR A 30 14.78 5.72 11.61
N ILE A 31 15.00 7.00 11.84
CA ILE A 31 13.96 8.04 11.77
C ILE A 31 14.16 9.08 10.71
N LEU A 32 13.12 9.30 9.90
CA LEU A 32 13.15 10.32 8.87
C LEU A 32 12.62 11.57 9.58
N LEU A 33 13.46 12.62 9.65
CA LEU A 33 13.08 13.87 10.31
C LEU A 33 12.97 15.00 9.29
N LEU A 34 11.95 15.83 9.41
CA LEU A 34 11.77 16.95 8.48
C LEU A 34 11.60 18.26 9.23
N ARG A 35 12.28 19.30 8.74
CA ARG A 35 12.18 20.65 9.28
C ARG A 35 11.67 21.49 8.10
N LEU A 36 10.58 22.24 8.29
CA LEU A 36 10.01 23.08 7.25
C LEU A 36 10.21 24.53 7.72
N PHE A 37 10.71 25.38 6.85
CA PHE A 37 10.97 26.78 7.20
C PHE A 37 10.10 27.73 6.44
N GLY A 38 9.49 28.68 7.15
CA GLY A 38 8.67 29.68 6.49
C GLY A 38 8.35 30.83 7.45
N GLU A 39 8.37 32.05 6.93
CA GLU A 39 8.07 33.24 7.75
C GLU A 39 8.84 33.28 9.05
N GLY A 40 10.10 32.90 8.99
CA GLY A 40 10.94 32.90 10.16
C GLY A 40 10.57 31.86 11.20
N LEU A 41 9.75 30.88 10.83
CA LEU A 41 9.34 29.86 11.77
C LEU A 41 9.77 28.51 11.23
N GLU A 42 9.73 27.49 12.08
CA GLU A 42 10.14 26.15 11.70
C GLU A 42 9.12 25.10 12.18
N GLY A 43 8.60 24.30 11.23
CA GLY A 43 7.66 23.23 11.56
C GLY A 43 8.46 21.93 11.57
N LEU A 44 8.10 20.99 12.44
CA LEU A 44 8.80 19.73 12.59
C LEU A 44 7.88 18.52 12.32
N GLY A 45 8.42 17.52 11.60
CA GLY A 45 7.68 16.31 11.27
C GLY A 45 8.59 15.09 11.46
N GLU A 46 8.04 13.98 11.95
CA GLU A 46 8.84 12.79 12.17
C GLU A 46 8.21 11.54 11.54
N GLY A 47 8.99 10.78 10.77
CA GLY A 47 8.44 9.58 10.14
C GLY A 47 8.31 8.38 11.05
N VAL A 48 7.24 7.60 10.91
CA VAL A 48 7.05 6.42 11.74
C VAL A 48 7.36 5.12 10.98
N MET A 49 7.63 5.22 9.67
CA MET A 49 8.00 4.04 8.87
C MET A 49 9.40 3.59 9.28
N GLU A 50 9.73 2.32 9.04
CA GLU A 50 11.03 1.81 9.44
C GLU A 50 11.85 1.33 8.24
N ARG A 51 13.01 0.73 8.49
CA ARG A 51 13.84 0.28 7.37
C ARG A 51 13.23 -0.91 6.64
N LEU A 52 12.45 -1.73 7.36
CA LEU A 52 11.77 -2.90 6.82
C LEU A 52 10.24 -2.70 6.90
N PRO A 53 9.50 -3.13 5.85
CA PRO A 53 8.03 -3.00 5.83
C PRO A 53 7.38 -4.13 6.63
N LEU A 54 7.47 -4.03 7.97
CA LEU A 54 6.96 -5.07 8.85
C LEU A 54 5.58 -4.75 9.42
N TYR A 55 5.44 -3.53 9.92
CA TYR A 55 4.14 -3.05 10.43
C TYR A 55 3.23 -2.81 9.22
N ARG A 56 3.76 -2.11 8.21
CA ARG A 56 3.02 -1.89 6.98
C ARG A 56 4.02 -1.74 5.81
N GLU A 57 3.52 -1.39 4.63
CA GLU A 57 4.31 -1.36 3.40
C GLU A 57 5.41 -0.33 3.14
N GLU A 58 5.40 0.78 3.85
CA GLU A 58 6.40 1.83 3.59
C GLU A 58 7.75 1.57 4.27
N THR A 59 8.80 2.19 3.73
CA THR A 59 10.12 2.08 4.30
C THR A 59 10.75 3.47 4.35
N VAL A 60 11.77 3.61 5.18
CA VAL A 60 12.48 4.89 5.22
C VAL A 60 13.00 5.25 3.82
N ALA A 61 13.59 4.29 3.10
CA ALA A 61 14.11 4.56 1.74
C ALA A 61 13.03 5.01 0.78
N GLY A 62 11.89 4.30 0.79
CA GLY A 62 10.82 4.68 -0.11
C GLY A 62 10.24 6.05 0.23
N ALA A 63 10.12 6.36 1.52
CA ALA A 63 9.51 7.64 1.93
C ALA A 63 10.52 8.78 1.67
N ARG A 64 11.80 8.49 1.87
CA ARG A 64 12.84 9.49 1.64
C ARG A 64 12.78 9.96 0.18
N TYR A 65 12.69 9.01 -0.75
CA TYR A 65 12.60 9.30 -2.18
C TYR A 65 11.38 10.19 -2.45
N LEU A 66 10.21 9.75 -1.98
CA LEU A 66 9.00 10.51 -2.22
C LEU A 66 9.08 11.94 -1.64
N LEU A 67 9.58 12.07 -0.43
CA LEU A 67 9.65 13.41 0.17
C LEU A 67 10.69 14.28 -0.56
N GLU A 68 11.90 13.76 -0.72
CA GLU A 68 12.96 14.53 -1.39
C GLU A 68 12.71 14.84 -2.86
N GLU A 69 12.23 13.86 -3.62
CA GLU A 69 12.08 14.12 -5.05
C GLU A 69 10.69 14.39 -5.60
N VAL A 70 9.65 14.17 -4.79
CA VAL A 70 8.30 14.38 -5.28
C VAL A 70 7.49 15.38 -4.47
N PHE A 71 7.33 15.11 -3.18
CA PHE A 71 6.51 15.97 -2.31
C PHE A 71 7.08 17.34 -1.97
N LEU A 72 8.35 17.41 -1.56
CA LEU A 72 8.89 18.73 -1.22
C LEU A 72 8.97 19.59 -2.49
N PRO A 73 9.42 19.00 -3.62
CA PRO A 73 9.47 19.85 -4.83
C PRO A 73 8.06 20.32 -5.21
N ARG A 74 7.04 19.51 -4.91
CA ARG A 74 5.67 19.87 -5.22
C ARG A 74 5.15 21.07 -4.39
N VAL A 75 5.62 21.21 -3.16
CA VAL A 75 5.12 22.27 -2.30
C VAL A 75 6.07 23.43 -1.98
N LEU A 76 7.36 23.25 -2.25
CA LEU A 76 8.32 24.32 -1.97
C LEU A 76 7.94 25.59 -2.72
N GLY A 77 7.86 26.69 -1.98
CA GLY A 77 7.54 27.97 -2.56
C GLY A 77 6.08 28.20 -2.89
N ARG A 78 5.23 27.19 -2.71
CA ARG A 78 3.81 27.36 -3.02
C ARG A 78 3.07 28.04 -1.86
N ASP A 79 2.06 28.84 -2.19
CA ASP A 79 1.32 29.51 -1.13
C ASP A 79 0.25 28.53 -0.71
N LEU A 80 0.34 28.06 0.52
CA LEU A 80 -0.62 27.11 1.02
C LEU A 80 -1.34 27.84 2.13
N PRO A 81 -2.58 28.29 1.87
CA PRO A 81 -3.40 29.00 2.85
C PRO A 81 -3.68 28.19 4.14
N ASN A 82 -3.68 26.87 4.01
CA ASN A 82 -3.95 26.01 5.16
C ASN A 82 -3.56 24.58 4.85
N PRO A 83 -3.67 23.68 5.83
CA PRO A 83 -3.30 22.28 5.59
C PRO A 83 -4.09 21.61 4.47
N GLU A 84 -5.34 22.02 4.23
CA GLU A 84 -6.14 21.42 3.14
C GLU A 84 -5.43 21.61 1.78
N ALA A 85 -4.81 22.77 1.59
CA ALA A 85 -4.10 23.06 0.34
C ALA A 85 -2.97 22.08 0.13
N LEU A 86 -2.26 21.79 1.22
CA LEU A 86 -1.15 20.87 1.19
C LEU A 86 -1.65 19.49 0.79
N ARG A 87 -2.77 19.08 1.40
CA ARG A 87 -3.38 17.77 1.11
C ARG A 87 -3.73 17.68 -0.39
N GLU A 88 -4.37 18.72 -0.92
CA GLU A 88 -4.74 18.70 -2.34
C GLU A 88 -3.49 18.68 -3.25
N ALA A 89 -2.44 19.38 -2.85
CA ALA A 89 -1.20 19.36 -3.62
C ALA A 89 -0.63 17.92 -3.80
N LEU A 90 -0.81 17.07 -2.80
CA LEU A 90 -0.27 15.69 -2.82
C LEU A 90 -1.25 14.64 -3.27
N ALA A 91 -2.46 15.06 -3.60
CA ALA A 91 -3.53 14.14 -3.98
C ALA A 91 -3.27 13.22 -5.18
N PRO A 92 -2.47 13.66 -6.16
CA PRO A 92 -2.25 12.76 -7.29
C PRO A 92 -1.47 11.49 -6.96
N PHE A 93 -0.72 11.53 -5.85
CA PHE A 93 0.13 10.42 -5.44
C PHE A 93 -0.63 9.45 -4.56
N ARG A 94 -0.75 8.21 -5.03
CA ARG A 94 -1.51 7.20 -4.30
C ARG A 94 -0.76 6.58 -3.14
N GLY A 95 -1.52 6.29 -2.08
CA GLY A 95 -0.96 5.63 -0.91
C GLY A 95 0.12 6.42 -0.22
N ASN A 96 1.08 5.72 0.36
CA ASN A 96 2.20 6.35 1.07
C ASN A 96 1.78 7.38 2.12
N PRO A 97 0.76 7.03 2.95
CA PRO A 97 0.33 7.99 3.97
C PRO A 97 1.41 8.41 4.98
N MET A 98 2.28 7.48 5.38
CA MET A 98 3.30 7.84 6.38
C MET A 98 4.31 8.82 5.79
N ALA A 99 4.70 8.61 4.53
CA ALA A 99 5.62 9.54 3.85
C ALA A 99 4.93 10.90 3.73
N LYS A 100 3.63 10.91 3.36
CA LYS A 100 2.91 12.18 3.26
C LYS A 100 2.77 12.87 4.62
N ALA A 101 2.54 12.07 5.67
CA ALA A 101 2.35 12.57 7.03
C ALA A 101 3.53 13.36 7.54
N VAL A 102 4.74 12.94 7.18
CA VAL A 102 5.91 13.69 7.66
C VAL A 102 5.77 15.16 7.27
N LEU A 103 5.44 15.39 6.00
CA LEU A 103 5.26 16.73 5.47
C LEU A 103 3.98 17.39 5.95
N GLU A 104 2.87 16.65 5.89
CA GLU A 104 1.59 17.23 6.31
C GLU A 104 1.63 17.64 7.79
N MET A 105 2.23 16.80 8.63
CA MET A 105 2.27 17.13 10.05
C MET A 105 3.27 18.27 10.34
N ALA A 106 4.39 18.28 9.64
CA ALA A 106 5.35 19.36 9.84
C ALA A 106 4.67 20.65 9.42
N PHE A 107 3.91 20.60 8.35
CA PHE A 107 3.25 21.80 7.88
C PHE A 107 2.15 22.26 8.85
N PHE A 108 1.42 21.31 9.43
CA PHE A 108 0.38 21.70 10.38
C PHE A 108 1.06 22.39 11.58
N ASP A 109 2.25 21.89 11.96
CA ASP A 109 2.98 22.51 13.08
C ASP A 109 3.37 23.95 12.65
N LEU A 110 3.98 24.07 11.48
CA LEU A 110 4.37 25.40 10.98
C LEU A 110 3.17 26.35 10.90
N TRP A 111 2.03 25.84 10.44
CA TRP A 111 0.83 26.65 10.32
C TRP A 111 0.30 27.12 11.68
N ALA A 112 0.24 26.20 12.63
CA ALA A 112 -0.21 26.52 13.97
C ALA A 112 0.75 27.56 14.58
N LYS A 113 2.04 27.42 14.34
CA LYS A 113 2.97 28.40 14.87
C LYS A 113 2.72 29.77 14.21
N ALA A 114 2.44 29.78 12.91
CA ALA A 114 2.19 31.06 12.25
C ALA A 114 0.90 31.69 12.78
N LEU A 115 -0.02 30.87 13.28
CA LEU A 115 -1.25 31.37 13.85
C LEU A 115 -1.02 31.82 15.28
N GLY A 116 0.16 31.52 15.79
CA GLY A 116 0.48 31.89 17.16
C GLY A 116 -0.20 31.03 18.22
N ARG A 117 -0.56 29.79 17.89
CA ARG A 117 -1.24 28.95 18.88
C ARG A 117 -0.68 27.54 19.05
N PRO A 118 -0.96 26.91 20.21
CA PRO A 118 -0.50 25.54 20.42
C PRO A 118 -1.27 24.69 19.36
N LEU A 119 -0.67 23.60 18.90
CA LEU A 119 -1.32 22.77 17.88
C LEU A 119 -2.68 22.24 18.37
N TRP A 120 -2.76 21.79 19.63
CA TRP A 120 -4.02 21.24 20.10
C TRP A 120 -5.17 22.24 19.98
N GLN A 121 -4.87 23.53 20.20
CA GLN A 121 -5.89 24.55 20.14
C GLN A 121 -6.42 24.66 18.72
N VAL A 122 -5.54 24.63 17.73
CA VAL A 122 -5.93 24.68 16.32
C VAL A 122 -6.67 23.41 15.86
N LEU A 123 -6.25 22.25 16.35
CA LEU A 123 -6.91 21.00 15.97
C LEU A 123 -8.29 20.81 16.63
N GLY A 124 -8.63 21.61 17.63
CA GLY A 124 -9.93 21.47 18.30
C GLY A 124 -9.90 20.64 19.58
N GLY A 125 -8.74 20.63 20.24
CA GLY A 125 -8.58 19.88 21.47
C GLY A 125 -9.26 20.55 22.65
N VAL A 126 -9.51 19.76 23.69
CA VAL A 126 -10.24 20.24 24.89
C VAL A 126 -9.59 19.85 26.21
N ARG A 127 -8.34 19.41 26.20
CA ARG A 127 -7.64 19.02 27.43
C ARG A 127 -6.17 19.29 27.21
N GLN A 128 -5.38 19.35 28.29
CA GLN A 128 -3.94 19.57 28.16
C GLN A 128 -3.09 18.49 28.85
N ALA A 129 -3.71 17.34 29.11
CA ALA A 129 -3.05 16.16 29.71
C ALA A 129 -3.77 14.92 29.15
N VAL A 130 -3.00 13.89 28.82
CA VAL A 130 -3.57 12.68 28.21
C VAL A 130 -3.33 11.45 29.09
N GLU A 131 -4.37 10.63 29.27
CA GLU A 131 -4.23 9.42 30.07
C GLU A 131 -3.31 8.43 29.36
N VAL A 132 -2.44 7.79 30.15
CA VAL A 132 -1.44 6.86 29.64
C VAL A 132 -1.69 5.39 29.89
N GLY A 133 -1.58 4.60 28.81
CA GLY A 133 -1.72 3.16 28.91
C GLY A 133 -0.33 2.57 28.58
N VAL A 134 -0.15 1.25 28.75
CA VAL A 134 1.14 0.62 28.47
C VAL A 134 0.83 -0.67 27.72
N SER A 135 1.80 -1.11 26.90
CA SER A 135 1.67 -2.33 26.10
C SER A 135 2.77 -3.31 26.44
N LEU A 136 2.40 -4.54 26.76
CA LEU A 136 3.37 -5.58 27.11
C LEU A 136 3.39 -6.68 26.07
N GLY A 137 4.57 -7.21 25.79
CA GLY A 137 4.72 -8.29 24.85
C GLY A 137 4.38 -9.62 25.51
N ILE A 138 4.49 -10.71 24.75
CA ILE A 138 4.22 -12.04 25.28
C ILE A 138 5.37 -12.38 26.24
N GLN A 139 5.03 -12.75 27.47
CA GLN A 139 6.01 -13.08 28.52
C GLN A 139 6.25 -14.59 28.54
N PRO A 140 7.37 -15.03 29.16
CA PRO A 140 7.70 -16.45 29.23
C PRO A 140 6.68 -17.30 29.96
N SER A 141 5.96 -16.73 30.90
CA SER A 141 5.00 -17.52 31.66
C SER A 141 3.88 -16.66 32.18
N VAL A 142 2.83 -17.32 32.68
CA VAL A 142 1.70 -16.60 33.25
C VAL A 142 2.20 -15.80 34.46
N GLU A 143 3.08 -16.42 35.27
CA GLU A 143 3.62 -15.73 36.47
C GLU A 143 4.36 -14.44 36.09
N ASP A 144 5.23 -14.54 35.10
CA ASP A 144 5.95 -13.35 34.64
C ASP A 144 4.96 -12.25 34.20
N THR A 145 3.90 -12.67 33.53
CA THR A 145 2.91 -11.72 33.04
C THR A 145 2.25 -11.00 34.18
N LEU A 146 1.86 -11.74 35.21
CA LEU A 146 1.21 -11.12 36.36
C LEU A 146 2.17 -10.13 37.00
N ARG A 147 3.43 -10.53 37.09
CA ARG A 147 4.45 -9.69 37.72
C ARG A 147 4.57 -8.35 37.01
N VAL A 148 4.69 -8.39 35.69
CA VAL A 148 4.80 -7.19 34.87
C VAL A 148 3.53 -6.32 34.96
N VAL A 149 2.35 -6.94 34.87
CA VAL A 149 1.11 -6.18 34.95
C VAL A 149 1.01 -5.49 36.32
N GLU A 150 1.33 -6.24 37.38
CA GLU A 150 1.22 -5.65 38.73
C GLU A 150 2.11 -4.42 38.91
N ARG A 151 3.33 -4.51 38.41
CA ARG A 151 4.26 -3.40 38.52
C ARG A 151 3.69 -2.20 37.71
N HIS A 152 3.26 -2.44 36.48
CA HIS A 152 2.72 -1.33 35.69
C HIS A 152 1.48 -0.73 36.32
N LEU A 153 0.69 -1.54 37.03
CA LEU A 153 -0.48 -0.99 37.69
C LEU A 153 -0.03 -0.12 38.88
N GLU A 154 1.04 -0.54 39.55
CA GLU A 154 1.55 0.24 40.70
C GLU A 154 2.07 1.60 40.22
N GLU A 155 2.70 1.61 39.06
CA GLU A 155 3.22 2.84 38.49
C GLU A 155 2.16 3.82 38.04
N GLY A 156 0.91 3.38 38.00
CA GLY A 156 -0.14 4.33 37.62
C GLY A 156 -0.66 4.31 36.20
N TYR A 157 -0.31 3.30 35.42
CA TYR A 157 -0.83 3.22 34.05
C TYR A 157 -2.34 2.99 34.12
N ARG A 158 -3.08 3.58 33.19
CA ARG A 158 -4.52 3.45 33.27
C ARG A 158 -5.21 2.43 32.38
N ARG A 159 -4.39 1.65 31.68
CA ARG A 159 -4.88 0.59 30.81
C ARG A 159 -3.64 -0.26 30.55
N ILE A 160 -3.83 -1.58 30.57
CA ILE A 160 -2.75 -2.50 30.32
C ILE A 160 -3.12 -3.29 29.07
N LYS A 161 -2.22 -3.29 28.11
CA LYS A 161 -2.43 -4.02 26.87
C LYS A 161 -1.44 -5.21 26.81
N LEU A 162 -2.00 -6.39 26.62
CA LEU A 162 -1.19 -7.61 26.53
C LEU A 162 -1.26 -8.28 25.17
N LYS A 163 -0.09 -8.59 24.62
CA LYS A 163 0.00 -9.28 23.36
C LYS A 163 -0.46 -10.74 23.54
N ILE A 164 -1.20 -11.27 22.57
CA ILE A 164 -1.67 -12.65 22.65
C ILE A 164 -1.50 -13.28 21.28
N LYS A 165 -1.75 -14.58 21.18
CA LYS A 165 -1.68 -15.33 19.92
C LYS A 165 -2.35 -16.68 20.19
N PRO A 166 -2.79 -17.37 19.14
CA PRO A 166 -3.42 -18.68 19.34
C PRO A 166 -2.55 -19.49 20.27
N GLY A 167 -3.17 -20.15 21.26
CA GLY A 167 -2.41 -20.95 22.21
C GLY A 167 -1.86 -20.17 23.40
N TRP A 168 -1.98 -18.86 23.36
CA TRP A 168 -1.52 -18.01 24.44
C TRP A 168 -2.43 -16.81 24.54
N ASP A 169 -3.66 -17.07 24.99
CA ASP A 169 -4.62 -16.00 25.11
C ASP A 169 -5.55 -16.11 26.27
N TYR A 170 -6.49 -17.04 26.22
CA TYR A 170 -7.45 -17.17 27.31
C TYR A 170 -6.85 -17.40 28.71
N GLU A 171 -5.93 -18.35 28.81
CA GLU A 171 -5.39 -18.68 30.13
C GLU A 171 -4.62 -17.54 30.76
N VAL A 172 -3.75 -16.91 29.96
CA VAL A 172 -2.98 -15.81 30.51
C VAL A 172 -3.87 -14.63 30.79
N LEU A 173 -4.78 -14.30 29.89
CA LEU A 173 -5.67 -13.17 30.15
C LEU A 173 -6.58 -13.45 31.34
N LYS A 174 -7.05 -14.69 31.44
CA LYS A 174 -7.91 -15.03 32.56
C LYS A 174 -7.18 -14.90 33.92
N ALA A 175 -5.92 -15.31 33.95
CA ALA A 175 -5.15 -15.21 35.16
C ALA A 175 -4.97 -13.73 35.54
N VAL A 176 -4.70 -12.88 34.56
CA VAL A 176 -4.54 -11.46 34.87
C VAL A 176 -5.86 -10.87 35.38
N ARG A 177 -6.96 -11.18 34.69
CA ARG A 177 -8.27 -10.67 35.09
C ARG A 177 -8.57 -11.09 36.54
N GLU A 178 -8.34 -12.36 36.86
CA GLU A 178 -8.60 -12.87 38.22
C GLU A 178 -7.74 -12.20 39.30
N ALA A 179 -6.51 -11.87 38.96
CA ALA A 179 -5.60 -11.22 39.90
C ALA A 179 -5.94 -9.73 40.02
N PHE A 180 -6.45 -9.14 38.94
CA PHE A 180 -6.77 -7.71 38.93
C PHE A 180 -8.17 -7.51 38.37
N PRO A 181 -9.19 -7.85 39.16
CA PRO A 181 -10.60 -7.72 38.78
C PRO A 181 -11.13 -6.37 38.27
N GLU A 182 -10.48 -5.27 38.64
CA GLU A 182 -10.94 -3.95 38.21
C GLU A 182 -9.99 -3.25 37.22
N ALA A 183 -8.91 -3.92 36.83
CA ALA A 183 -7.98 -3.28 35.91
C ALA A 183 -8.55 -3.14 34.50
N THR A 184 -8.17 -2.08 33.79
CA THR A 184 -8.63 -1.96 32.40
C THR A 184 -7.58 -2.72 31.60
N LEU A 185 -8.03 -3.84 31.05
CA LEU A 185 -7.21 -4.76 30.26
C LEU A 185 -7.66 -4.87 28.80
N THR A 186 -6.69 -4.89 27.91
CA THR A 186 -6.93 -5.01 26.48
C THR A 186 -5.95 -6.06 25.95
N ALA A 187 -6.24 -6.59 24.77
CA ALA A 187 -5.40 -7.56 24.12
C ALA A 187 -4.97 -7.03 22.77
N ASP A 188 -3.71 -7.29 22.42
CA ASP A 188 -3.18 -6.91 21.09
C ASP A 188 -3.07 -8.26 20.43
N ALA A 189 -4.00 -8.53 19.52
CA ALA A 189 -4.01 -9.82 18.85
C ALA A 189 -3.09 -9.92 17.63
N ASN A 190 -2.46 -8.78 17.32
CA ASN A 190 -1.38 -8.79 16.35
C ASN A 190 -1.59 -9.51 15.01
N SER A 191 -2.81 -9.42 14.46
CA SER A 191 -3.16 -10.09 13.20
C SER A 191 -2.72 -11.55 13.21
N ALA A 192 -2.74 -12.16 14.38
CA ALA A 192 -2.30 -13.55 14.49
C ALA A 192 -3.45 -14.54 14.35
N TYR A 193 -4.65 -14.03 14.13
CA TYR A 193 -5.80 -14.90 14.03
C TYR A 193 -6.52 -14.84 12.67
N SER A 194 -7.46 -15.76 12.47
CA SER A 194 -8.28 -15.78 11.25
C SER A 194 -9.68 -16.14 11.75
N LEU A 195 -10.68 -16.10 10.87
CA LEU A 195 -12.03 -16.46 11.30
C LEU A 195 -12.11 -17.90 11.81
N ALA A 196 -11.09 -18.68 11.49
CA ALA A 196 -11.01 -20.07 11.94
C ALA A 196 -10.90 -20.08 13.46
N ASN A 197 -10.30 -19.03 14.00
CA ASN A 197 -10.12 -18.95 15.45
C ASN A 197 -11.27 -18.27 16.13
N LEU A 198 -12.42 -18.17 15.47
CA LEU A 198 -13.52 -17.47 16.10
C LEU A 198 -13.84 -17.92 17.52
N ALA A 199 -13.91 -19.22 17.76
CA ALA A 199 -14.27 -19.69 19.09
C ALA A 199 -13.25 -19.23 20.15
N GLN A 200 -11.96 -19.28 19.81
CA GLN A 200 -10.93 -18.89 20.75
C GLN A 200 -11.08 -17.42 21.06
N LEU A 201 -11.44 -16.59 20.08
CA LEU A 201 -11.59 -15.16 20.35
C LEU A 201 -12.86 -14.88 21.13
N LYS A 202 -13.94 -15.55 20.78
CA LYS A 202 -15.21 -15.39 21.50
C LYS A 202 -15.07 -15.79 22.97
N ARG A 203 -14.24 -16.79 23.22
CA ARG A 203 -14.01 -17.24 24.58
C ARG A 203 -13.50 -16.11 25.46
N LEU A 204 -12.84 -15.12 24.85
CA LEU A 204 -12.33 -13.98 25.64
C LEU A 204 -13.42 -13.02 26.14
N ASP A 205 -14.63 -13.15 25.60
CA ASP A 205 -15.74 -12.26 25.97
C ASP A 205 -15.99 -12.31 27.47
N GLU A 206 -15.84 -13.47 28.07
CA GLU A 206 -16.09 -13.56 29.50
C GLU A 206 -15.05 -12.82 30.38
N LEU A 207 -13.96 -12.36 29.78
CA LEU A 207 -12.89 -11.70 30.55
C LEU A 207 -13.08 -10.18 30.66
N ARG A 208 -14.07 -9.64 29.93
CA ARG A 208 -14.35 -8.22 29.97
C ARG A 208 -13.17 -7.30 29.60
N LEU A 209 -12.47 -7.63 28.53
CA LEU A 209 -11.38 -6.79 28.04
C LEU A 209 -12.01 -5.53 27.47
N ASP A 210 -11.31 -4.39 27.56
CA ASP A 210 -11.85 -3.14 27.03
C ASP A 210 -11.96 -3.23 25.49
N TYR A 211 -11.04 -3.96 24.87
CA TYR A 211 -11.06 -4.22 23.41
C TYR A 211 -9.96 -5.22 23.05
N ILE A 212 -10.07 -5.84 21.87
CA ILE A 212 -9.09 -6.77 21.32
C ILE A 212 -8.63 -6.09 20.05
N GLU A 213 -7.35 -5.71 20.01
CA GLU A 213 -6.83 -5.00 18.84
C GLU A 213 -6.39 -5.86 17.66
N GLN A 214 -6.84 -5.45 16.46
CA GLN A 214 -6.47 -6.04 15.16
C GLN A 214 -6.16 -7.55 15.15
N PRO A 215 -7.15 -8.39 15.50
CA PRO A 215 -6.89 -9.83 15.51
C PRO A 215 -6.69 -10.50 14.15
N LEU A 216 -7.37 -9.98 13.11
CA LEU A 216 -7.28 -10.57 11.78
C LEU A 216 -6.34 -9.81 10.86
N ALA A 217 -6.42 -10.05 9.55
CA ALA A 217 -5.45 -9.43 8.63
C ALA A 217 -5.28 -7.93 8.76
N TYR A 218 -4.03 -7.49 8.60
CA TYR A 218 -3.70 -6.07 8.75
C TYR A 218 -4.39 -5.11 7.76
N ASP A 219 -4.85 -5.63 6.63
CA ASP A 219 -5.52 -4.78 5.63
C ASP A 219 -6.98 -5.21 5.42
N ASP A 220 -7.56 -5.81 6.46
CA ASP A 220 -8.94 -6.29 6.39
C ASP A 220 -9.99 -5.50 7.17
N LEU A 221 -11.19 -5.41 6.59
CA LEU A 221 -12.35 -4.81 7.26
C LEU A 221 -13.50 -5.82 7.27
N LEU A 222 -13.68 -6.53 6.16
CA LEU A 222 -14.79 -7.49 6.01
C LEU A 222 -14.80 -8.62 7.02
N ASP A 223 -13.69 -9.34 7.16
CA ASP A 223 -13.65 -10.45 8.12
C ASP A 223 -13.73 -9.93 9.56
N HIS A 224 -13.11 -8.78 9.86
CA HIS A 224 -13.25 -8.23 11.22
C HIS A 224 -14.72 -7.94 11.52
N ALA A 225 -15.48 -7.49 10.51
CA ALA A 225 -16.90 -7.20 10.71
C ALA A 225 -17.69 -8.48 11.07
N LYS A 226 -17.34 -9.59 10.41
CA LYS A 226 -17.98 -10.87 10.69
C LYS A 226 -17.63 -11.29 12.12
N LEU A 227 -16.38 -11.09 12.51
CA LEU A 227 -15.95 -11.42 13.86
C LEU A 227 -16.63 -10.54 14.91
N GLN A 228 -16.69 -9.24 14.65
CA GLN A 228 -17.25 -8.30 15.60
C GLN A 228 -18.71 -8.61 15.89
N ARG A 229 -19.43 -9.06 14.86
CA ARG A 229 -20.84 -9.40 15.01
C ARG A 229 -21.03 -10.54 16.02
N GLU A 230 -20.01 -11.35 16.23
CA GLU A 230 -20.12 -12.46 17.16
C GLU A 230 -19.58 -12.18 18.57
N LEU A 231 -18.87 -11.07 18.74
CA LEU A 231 -18.28 -10.74 20.05
C LEU A 231 -18.89 -9.56 20.78
N SER A 232 -19.06 -9.70 22.09
CA SER A 232 -19.55 -8.57 22.88
C SER A 232 -18.37 -7.61 23.09
N THR A 233 -17.15 -8.16 23.05
CA THR A 233 -15.95 -7.35 23.23
C THR A 233 -15.68 -6.52 22.00
N PRO A 234 -15.39 -5.23 22.21
CA PRO A 234 -15.11 -4.38 21.05
C PRO A 234 -13.84 -4.81 20.31
N ILE A 235 -13.93 -4.87 18.98
CA ILE A 235 -12.75 -5.11 18.17
C ILE A 235 -12.17 -3.72 17.91
N CYS A 236 -10.87 -3.57 18.10
CA CYS A 236 -10.23 -2.27 17.89
C CYS A 236 -9.38 -2.39 16.64
N LEU A 237 -9.53 -1.45 15.71
CA LEU A 237 -8.75 -1.52 14.48
C LEU A 237 -7.54 -0.59 14.55
N ASP A 238 -6.43 -1.05 13.97
CA ASP A 238 -5.18 -0.29 13.92
C ASP A 238 -4.72 -0.28 12.46
N GLU A 239 -3.98 -1.30 12.03
CA GLU A 239 -3.46 -1.32 10.66
C GLU A 239 -4.52 -1.16 9.59
N SER A 240 -5.73 -1.65 9.83
CA SER A 240 -6.78 -1.54 8.78
C SER A 240 -7.22 -0.10 8.49
N LEU A 241 -7.04 0.80 9.44
CA LEU A 241 -7.48 2.19 9.27
C LEU A 241 -6.44 3.10 8.61
N THR A 242 -6.42 3.08 7.28
CA THR A 242 -5.40 3.85 6.60
C THR A 242 -5.88 5.21 6.13
N GLY A 243 -7.14 5.52 6.41
CA GLY A 243 -7.63 6.80 5.96
C GLY A 243 -9.09 6.90 6.32
N ALA A 244 -9.68 8.08 6.07
CA ALA A 244 -11.08 8.30 6.40
C ALA A 244 -12.06 7.38 5.66
N GLU A 245 -11.81 7.10 4.37
CA GLU A 245 -12.70 6.20 3.62
C GLU A 245 -12.74 4.82 4.28
N LYS A 246 -11.60 4.33 4.76
CA LYS A 246 -11.61 3.03 5.45
C LYS A 246 -12.38 3.14 6.75
N ALA A 247 -12.20 4.26 7.45
CA ALA A 247 -12.95 4.47 8.69
C ALA A 247 -14.45 4.49 8.37
N ARG A 248 -14.84 5.13 7.27
CA ARG A 248 -16.25 5.20 6.89
C ARG A 248 -16.79 3.79 6.60
N LYS A 249 -16.01 3.00 5.86
CA LYS A 249 -16.41 1.62 5.52
C LYS A 249 -16.44 0.75 6.78
N ALA A 250 -15.51 0.98 7.71
CA ALA A 250 -15.52 0.20 8.97
C ALA A 250 -16.85 0.47 9.71
N ILE A 251 -17.30 1.72 9.70
CA ILE A 251 -18.55 2.06 10.38
C ILE A 251 -19.73 1.41 9.66
N GLU A 252 -19.74 1.47 8.32
CA GLU A 252 -20.83 0.87 7.54
C GLU A 252 -20.89 -0.62 7.79
N LEU A 253 -19.71 -1.25 7.88
CA LEU A 253 -19.66 -2.69 8.07
C LEU A 253 -19.76 -3.15 9.50
N GLY A 254 -19.47 -2.25 10.43
CA GLY A 254 -19.45 -2.64 11.84
C GLY A 254 -18.17 -3.49 12.05
N ALA A 255 -17.06 -3.09 11.42
CA ALA A 255 -15.79 -3.82 11.50
C ALA A 255 -15.02 -3.62 12.81
N GLY A 256 -15.34 -2.56 13.55
CA GLY A 256 -14.66 -2.32 14.83
C GLY A 256 -15.49 -1.35 15.66
N ARG A 257 -15.46 -1.50 16.98
CA ARG A 257 -16.20 -0.58 17.81
C ARG A 257 -15.30 0.41 18.55
N VAL A 258 -13.99 0.26 18.36
CA VAL A 258 -12.98 1.17 18.94
C VAL A 258 -11.92 1.41 17.88
N PHE A 259 -11.39 2.63 17.78
CA PHE A 259 -10.33 2.87 16.79
C PHE A 259 -9.07 3.36 17.45
N ASN A 260 -7.97 2.72 17.06
CA ASN A 260 -6.64 3.13 17.48
C ASN A 260 -6.25 4.19 16.44
N VAL A 261 -5.95 5.41 16.87
CA VAL A 261 -5.52 6.48 15.94
C VAL A 261 -3.98 6.67 15.98
N LYS A 262 -3.33 6.55 14.83
CA LYS A 262 -1.89 6.80 14.68
C LYS A 262 -1.94 7.78 13.51
N PRO A 263 -1.76 9.07 13.78
CA PRO A 263 -1.82 10.06 12.70
C PRO A 263 -0.97 9.78 11.46
N ALA A 264 0.26 9.30 11.66
CA ALA A 264 1.11 9.04 10.49
C ALA A 264 0.58 7.89 9.65
N ARG A 265 0.05 6.86 10.31
CA ARG A 265 -0.53 5.72 9.62
C ARG A 265 -1.65 6.26 8.73
N LEU A 266 -2.37 7.27 9.22
CA LEU A 266 -3.50 7.86 8.49
C LEU A 266 -3.15 8.90 7.43
N GLY A 267 -1.92 9.40 7.45
CA GLY A 267 -1.56 10.39 6.44
C GLY A 267 -1.44 11.77 7.09
N GLY A 268 -1.62 11.84 8.41
CA GLY A 268 -1.46 13.12 9.09
C GLY A 268 -2.60 13.63 9.94
N HIS A 269 -2.53 14.89 10.34
CA HIS A 269 -3.59 15.45 11.17
C HIS A 269 -4.91 15.72 10.39
N GLY A 270 -4.80 16.16 9.15
CA GLY A 270 -6.00 16.42 8.35
C GLY A 270 -6.82 15.14 8.28
N GLU A 271 -6.17 14.03 7.92
CA GLU A 271 -6.89 12.76 7.84
C GLU A 271 -7.39 12.33 9.23
N SER A 272 -6.59 12.56 10.28
CA SER A 272 -6.99 12.18 11.64
C SER A 272 -8.24 12.92 12.10
N LEU A 273 -8.35 14.21 11.77
CA LEU A 273 -9.53 15.01 12.12
C LEU A 273 -10.76 14.45 11.44
N ARG A 274 -10.59 13.97 10.20
CA ARG A 274 -11.72 13.40 9.46
C ARG A 274 -12.15 12.09 10.16
N VAL A 275 -11.17 11.25 10.49
CA VAL A 275 -11.48 9.99 11.21
C VAL A 275 -12.16 10.31 12.55
N HIS A 276 -11.68 11.34 13.24
CA HIS A 276 -12.25 11.77 14.53
C HIS A 276 -13.74 12.14 14.34
N ALA A 277 -14.06 12.94 13.31
CA ALA A 277 -15.44 13.31 13.06
C ALA A 277 -16.29 12.05 12.81
N LEU A 278 -15.77 11.13 11.99
CA LEU A 278 -16.49 9.90 11.69
C LEU A 278 -16.72 9.10 12.95
N ALA A 279 -15.67 8.85 13.72
CA ALA A 279 -15.84 8.03 14.94
C ALA A 279 -16.78 8.68 15.95
N GLU A 280 -16.59 9.97 16.18
CA GLU A 280 -17.44 10.68 17.11
C GLU A 280 -18.93 10.59 16.73
N SER A 281 -19.21 10.64 15.44
CA SER A 281 -20.61 10.58 14.96
C SER A 281 -21.23 9.18 15.12
N ALA A 282 -20.39 8.17 15.29
CA ALA A 282 -20.86 6.80 15.46
C ALA A 282 -20.67 6.31 16.91
N GLY A 283 -20.26 7.20 17.81
CA GLY A 283 -20.02 6.80 19.19
C GLY A 283 -18.85 5.81 19.32
N ILE A 284 -17.85 5.89 18.44
CA ILE A 284 -16.71 4.97 18.49
C ILE A 284 -15.55 5.66 19.22
N PRO A 285 -15.15 5.09 20.38
CA PRO A 285 -14.05 5.64 21.18
C PRO A 285 -12.72 5.64 20.42
N LEU A 286 -11.89 6.62 20.69
CA LEU A 286 -10.55 6.66 20.06
C LEU A 286 -9.50 6.66 21.14
N TRP A 287 -8.30 6.18 20.83
CA TRP A 287 -7.18 6.29 21.76
C TRP A 287 -5.95 6.49 20.85
N MET A 288 -4.93 7.13 21.39
CA MET A 288 -3.72 7.47 20.65
C MET A 288 -2.72 6.30 20.60
N GLY A 289 -2.43 5.79 19.41
CA GLY A 289 -1.49 4.68 19.28
C GLY A 289 -0.04 5.19 19.31
N GLY A 290 0.93 4.30 19.56
CA GLY A 290 2.31 4.71 19.61
C GLY A 290 3.11 3.93 18.59
N MET A 291 4.18 4.54 18.10
CA MET A 291 5.00 3.85 17.12
C MET A 291 6.46 4.07 17.48
N LEU A 292 6.77 4.05 18.78
CA LEU A 292 8.15 4.26 19.25
C LEU A 292 8.72 5.57 18.72
N GLU A 293 7.92 6.63 18.81
CA GLU A 293 8.38 7.93 18.35
C GLU A 293 9.41 8.64 19.25
N ALA A 294 10.24 9.44 18.59
CA ALA A 294 11.21 10.30 19.27
C ALA A 294 10.33 11.51 19.67
N GLY A 295 10.91 12.54 20.30
CA GLY A 295 10.11 13.68 20.79
C GLY A 295 9.17 14.45 19.87
N VAL A 296 9.54 14.58 18.60
CA VAL A 296 8.71 15.30 17.64
C VAL A 296 7.41 14.52 17.42
N GLY A 297 7.52 13.23 17.10
CA GLY A 297 6.33 12.42 16.87
C GLY A 297 5.49 12.31 18.14
N ARG A 298 6.14 12.10 19.29
CA ARG A 298 5.41 12.00 20.55
C ARG A 298 4.62 13.28 20.87
N ALA A 299 5.22 14.45 20.62
CA ALA A 299 4.53 15.71 20.87
C ALA A 299 3.34 15.84 19.90
N HIS A 300 3.55 15.49 18.62
CA HIS A 300 2.43 15.57 17.66
C HIS A 300 1.26 14.71 18.18
N ASN A 301 1.59 13.49 18.59
CA ASN A 301 0.56 12.55 19.08
C ASN A 301 -0.22 13.13 20.28
N LEU A 302 0.51 13.77 21.21
CA LEU A 302 -0.11 14.36 22.42
C LEU A 302 -1.07 15.47 22.10
N HIS A 303 -0.70 16.36 21.17
CA HIS A 303 -1.58 17.47 20.77
C HIS A 303 -2.85 16.92 20.09
N LEU A 304 -2.68 15.94 19.20
CA LEU A 304 -3.86 15.35 18.55
C LEU A 304 -4.74 14.57 19.58
N ALA A 305 -4.12 13.93 20.57
CA ALA A 305 -4.85 13.16 21.56
C ALA A 305 -5.70 14.00 22.52
N THR A 306 -5.66 15.32 22.37
CA THR A 306 -6.47 16.19 23.21
C THR A 306 -7.89 16.32 22.66
N LEU A 307 -8.13 15.82 21.45
CA LEU A 307 -9.48 15.94 20.87
C LEU A 307 -10.55 15.18 21.71
N PRO A 308 -11.80 15.70 21.71
CA PRO A 308 -12.90 15.10 22.48
C PRO A 308 -13.18 13.62 22.25
N GLY A 309 -13.02 13.16 21.04
CA GLY A 309 -13.28 11.76 20.76
C GLY A 309 -12.27 10.79 21.36
N PHE A 310 -11.12 11.27 21.79
CA PHE A 310 -10.14 10.38 22.41
C PHE A 310 -10.62 10.25 23.86
N THR A 311 -11.25 9.12 24.18
CA THR A 311 -11.80 8.92 25.50
C THR A 311 -11.11 7.78 26.25
N LYS A 312 -10.08 7.16 25.66
CA LYS A 312 -9.41 6.03 26.32
C LYS A 312 -7.92 6.31 26.34
N PRO A 313 -7.20 5.75 27.36
CA PRO A 313 -5.75 5.95 27.50
C PRO A 313 -4.96 5.59 26.24
N GLY A 314 -3.93 6.37 25.94
CA GLY A 314 -3.15 6.10 24.74
C GLY A 314 -1.73 5.63 25.06
N ASP A 315 -1.03 5.19 24.03
CA ASP A 315 0.34 4.72 24.20
C ASP A 315 1.23 5.95 24.06
N VAL A 316 1.19 6.81 25.04
CA VAL A 316 2.02 8.04 25.01
C VAL A 316 2.79 8.10 26.31
N SER A 317 3.52 7.04 26.60
CA SER A 317 4.25 7.04 27.86
C SER A 317 5.54 7.88 27.80
N SER A 318 6.26 7.93 28.93
CA SER A 318 7.48 8.76 29.00
C SER A 318 8.54 8.46 27.95
N ALA A 319 9.11 9.52 27.38
CA ALA A 319 10.16 9.36 26.39
C ALA A 319 11.33 8.60 27.00
N SER A 320 11.53 8.75 28.31
CA SER A 320 12.65 8.08 28.98
C SER A 320 12.54 6.56 28.97
N ARG A 321 11.37 6.02 28.67
CA ARG A 321 11.28 4.56 28.62
C ARG A 321 11.92 4.04 27.34
N TYR A 322 12.02 4.91 26.34
CA TYR A 322 12.53 4.51 25.05
C TYR A 322 13.96 4.89 24.69
N TRP A 323 14.30 6.13 25.04
CA TRP A 323 15.55 6.76 24.69
C TRP A 323 16.39 7.18 25.89
N GLU A 324 17.69 6.99 25.77
CA GLU A 324 18.61 7.43 26.81
C GLU A 324 18.74 8.92 26.52
N GLU A 325 18.56 9.29 25.25
CA GLU A 325 18.57 10.70 24.87
C GLU A 325 17.61 10.96 23.70
N ASP A 326 16.68 11.89 23.93
CA ASP A 326 15.68 12.22 22.91
C ASP A 326 16.21 13.36 22.07
N ILE A 327 15.59 13.56 20.91
CA ILE A 327 16.01 14.60 19.97
C ILE A 327 15.45 15.98 20.23
N VAL A 328 14.62 16.12 21.25
CA VAL A 328 14.08 17.45 21.59
C VAL A 328 14.62 17.84 22.96
N GLU A 329 14.62 19.14 23.26
CA GLU A 329 15.15 19.64 24.55
C GLU A 329 14.25 19.27 25.70
N GLU A 330 12.95 19.19 25.42
CA GLU A 330 11.98 18.86 26.44
C GLU A 330 12.06 17.41 26.91
N ALA A 331 11.73 17.21 28.19
CA ALA A 331 11.68 15.92 28.82
C ALA A 331 10.18 15.57 28.83
N LEU A 332 9.74 14.77 27.88
CA LEU A 332 8.32 14.40 27.77
C LEU A 332 8.04 13.25 28.71
N GLU A 333 7.83 13.58 29.98
CA GLU A 333 7.60 12.58 31.02
C GLU A 333 6.21 12.57 31.63
N ALA A 334 5.63 11.39 31.77
CA ALA A 334 4.32 11.28 32.36
C ALA A 334 4.42 10.97 33.84
N LYS A 335 3.31 11.15 34.56
CA LYS A 335 3.28 10.78 35.96
C LYS A 335 1.84 10.58 36.47
N ASP A 336 1.66 9.63 37.38
CA ASP A 336 0.33 9.34 37.91
C ASP A 336 -0.65 9.09 36.75
N GLY A 337 -0.21 8.32 35.77
CA GLY A 337 -1.06 8.02 34.62
C GLY A 337 -1.42 9.12 33.62
N LEU A 338 -0.80 10.30 33.75
CA LEU A 338 -1.09 11.40 32.85
C LEU A 338 0.15 11.98 32.18
N MET A 339 0.03 12.29 30.90
CA MET A 339 1.11 12.90 30.16
C MET A 339 0.69 14.28 29.77
N PRO A 340 1.41 15.31 30.24
CA PRO A 340 0.98 16.64 29.84
C PRO A 340 1.30 16.93 28.37
N VAL A 341 0.57 17.85 27.77
CA VAL A 341 0.84 18.26 26.38
C VAL A 341 1.95 19.30 26.48
N PRO A 342 3.04 19.18 25.68
CA PRO A 342 4.12 20.18 25.77
C PRO A 342 3.63 21.57 25.42
N GLU A 343 4.03 22.54 26.26
CA GLU A 343 3.59 23.91 26.11
C GLU A 343 4.30 24.64 25.01
N GLY A 344 3.67 25.72 24.57
CA GLY A 344 4.24 26.54 23.49
C GLY A 344 3.41 26.46 22.23
N VAL A 345 3.75 27.27 21.24
CA VAL A 345 2.99 27.25 20.00
C VAL A 345 3.32 26.01 19.19
N GLY A 346 2.40 25.62 18.33
CA GLY A 346 2.64 24.41 17.53
C GLY A 346 2.77 23.21 18.45
N ILE A 347 3.66 22.29 18.12
CA ILE A 347 3.81 21.09 18.94
C ILE A 347 4.55 21.31 20.27
N GLY A 348 5.09 22.52 20.44
CA GLY A 348 5.74 22.87 21.70
C GLY A 348 7.06 22.22 22.05
N VAL A 349 7.77 21.61 21.10
CA VAL A 349 9.07 21.04 21.43
C VAL A 349 10.10 21.66 20.51
N HIS A 350 11.36 21.60 20.94
CA HIS A 350 12.47 22.18 20.21
C HIS A 350 13.56 21.15 19.99
N LEU A 351 14.07 21.08 18.77
CA LEU A 351 15.14 20.14 18.43
C LEU A 351 16.43 20.48 19.15
N LYS A 352 17.13 19.44 19.59
CA LYS A 352 18.43 19.58 20.24
C LYS A 352 19.37 19.33 19.04
N LEU A 353 19.64 20.36 18.24
CA LEU A 353 20.47 20.24 17.04
C LEU A 353 21.83 19.57 17.14
N PRO A 354 22.66 19.93 18.13
CA PRO A 354 23.97 19.25 18.18
C PRO A 354 23.80 17.74 18.27
N PHE A 355 22.93 17.27 19.16
CA PHE A 355 22.69 15.84 19.28
C PHE A 355 22.11 15.28 17.98
N VAL A 356 21.12 15.95 17.40
CA VAL A 356 20.53 15.51 16.13
C VAL A 356 21.63 15.34 15.07
N GLU A 357 22.53 16.33 14.98
CA GLU A 357 23.63 16.23 13.99
C GLU A 357 24.48 15.00 14.26
N ARG A 358 24.73 14.72 15.53
CA ARG A 358 25.55 13.59 15.88
C ARG A 358 24.90 12.27 15.49
N VAL A 359 23.57 12.22 15.42
CA VAL A 359 22.93 10.97 15.05
C VAL A 359 22.36 10.99 13.63
N THR A 360 22.82 11.93 12.82
CA THR A 360 22.37 12.02 11.44
C THR A 360 23.21 11.08 10.55
N LEU A 361 22.52 10.23 9.79
CA LEU A 361 23.19 9.31 8.88
C LEU A 361 23.25 9.95 7.49
N TRP A 362 22.27 10.80 7.20
CA TRP A 362 22.17 11.47 5.90
C TRP A 362 21.31 12.71 6.06
N GLN A 363 21.52 13.70 5.20
CA GLN A 363 20.73 14.91 5.29
C GLN A 363 20.74 15.64 3.96
N ARG A 364 19.73 16.48 3.77
CA ARG A 364 19.57 17.26 2.56
C ARG A 364 18.77 18.54 2.81
N TYR A 365 19.30 19.67 2.34
CA TYR A 365 18.64 20.98 2.47
C TYR A 365 18.16 21.41 1.10
N MET A 366 16.91 21.84 1.04
CA MET A 366 16.32 22.25 -0.20
C MET A 366 15.65 23.56 0.04
N SER A 367 15.73 24.47 -0.92
CA SER A 367 15.07 25.75 -0.74
C SER A 367 14.16 26.00 -1.92
N ALA A 368 13.21 26.91 -1.74
CA ALA A 368 12.27 27.26 -2.81
C ALA A 368 12.96 28.16 -3.84
N MET B 1 16.05 -25.29 -6.40
CA MET B 1 16.92 -24.31 -7.11
C MET B 1 17.57 -23.31 -6.15
N ARG B 2 18.88 -23.12 -6.28
CA ARG B 2 19.58 -22.14 -5.45
C ARG B 2 19.96 -20.99 -6.36
N ILE B 3 19.62 -19.77 -5.95
CA ILE B 3 19.99 -18.61 -6.75
C ILE B 3 21.44 -18.29 -6.35
N GLU B 4 22.35 -18.45 -7.32
CA GLU B 4 23.79 -18.22 -7.09
C GLU B 4 24.18 -16.75 -7.18
N ALA B 5 23.43 -15.98 -7.96
CA ALA B 5 23.71 -14.57 -8.14
C ALA B 5 22.54 -13.85 -8.80
N ALA B 6 22.57 -12.53 -8.73
CA ALA B 6 21.52 -11.73 -9.32
C ALA B 6 22.06 -10.39 -9.78
N GLU B 7 21.52 -9.88 -10.89
CA GLU B 7 21.90 -8.58 -11.41
C GLU B 7 20.64 -7.73 -11.52
N LEU B 8 20.67 -6.56 -10.91
CA LEU B 8 19.52 -5.68 -10.95
C LEU B 8 19.98 -4.44 -11.70
N ARG B 9 19.14 -3.96 -12.63
CA ARG B 9 19.40 -2.75 -13.42
C ARG B 9 18.18 -1.86 -13.42
N ILE B 10 18.39 -0.58 -13.64
CA ILE B 10 17.30 0.35 -13.83
C ILE B 10 17.58 0.86 -15.24
N LEU B 11 16.63 0.69 -16.14
CA LEU B 11 16.73 1.09 -17.54
C LEU B 11 15.79 2.23 -17.83
N GLU B 12 16.05 2.93 -18.92
CA GLU B 12 15.17 3.98 -19.37
C GLU B 12 14.94 3.70 -20.87
N LEU B 13 13.68 3.49 -21.24
CA LEU B 13 13.32 3.23 -22.63
C LEU B 13 12.31 4.26 -23.06
N PRO B 14 12.56 4.95 -24.18
CA PRO B 14 11.60 5.96 -24.65
C PRO B 14 10.42 5.26 -25.30
N LEU B 15 9.21 5.77 -25.06
CA LEU B 15 8.00 5.20 -25.63
C LEU B 15 7.78 5.87 -26.98
N LYS B 16 7.10 5.19 -27.89
CA LYS B 16 6.82 5.74 -29.21
C LYS B 16 5.61 6.67 -29.22
N PHE B 17 4.86 6.69 -28.11
CA PHE B 17 3.68 7.54 -28.01
C PHE B 17 3.72 8.26 -26.66
N ARG B 18 2.89 9.29 -26.50
CA ARG B 18 2.81 10.06 -25.27
C ARG B 18 1.71 9.40 -24.43
N PHE B 19 2.00 9.10 -23.17
CA PHE B 19 1.02 8.43 -22.31
C PHE B 19 0.50 9.35 -21.22
N GLU B 20 -0.80 9.62 -21.24
CA GLU B 20 -1.37 10.52 -20.25
C GLU B 20 -1.52 9.85 -18.88
N THR B 21 -1.14 10.58 -17.83
CA THR B 21 -1.26 10.06 -16.46
C THR B 21 -1.92 11.13 -15.61
N SER B 22 -2.04 10.86 -14.32
CA SER B 22 -2.67 11.81 -13.39
C SER B 22 -1.73 12.93 -12.96
N PHE B 23 -0.46 12.85 -13.34
CA PHE B 23 0.49 13.88 -12.99
C PHE B 23 1.56 14.00 -14.06
N GLY B 24 1.16 14.49 -15.23
CA GLY B 24 2.09 14.66 -16.34
C GLY B 24 1.78 13.72 -17.50
N VAL B 25 2.53 13.89 -18.58
CA VAL B 25 2.38 13.04 -19.74
C VAL B 25 3.69 12.29 -19.76
N GLN B 26 3.60 10.97 -19.79
CA GLN B 26 4.77 10.10 -19.77
C GLN B 26 5.26 9.79 -21.17
N THR B 27 6.59 9.87 -21.35
CA THR B 27 7.21 9.59 -22.65
C THR B 27 8.31 8.54 -22.57
N LYS B 28 8.60 8.07 -21.36
CA LYS B 28 9.62 7.08 -21.13
C LYS B 28 9.19 6.12 -20.03
N ARG B 29 9.73 4.90 -20.07
CA ARG B 29 9.49 3.91 -19.02
C ARG B 29 10.82 3.79 -18.30
N THR B 30 10.77 3.78 -16.98
CA THR B 30 11.93 3.60 -16.16
C THR B 30 11.66 2.18 -15.67
N ILE B 31 12.52 1.27 -16.09
CA ILE B 31 12.32 -0.15 -15.82
C ILE B 31 13.31 -0.84 -14.91
N LEU B 32 12.80 -1.50 -13.87
CA LEU B 32 13.65 -2.24 -12.97
C LEU B 32 13.74 -3.64 -13.61
N LEU B 33 14.95 -4.04 -13.99
CA LEU B 33 15.16 -5.34 -14.62
C LEU B 33 15.98 -6.25 -13.74
N LEU B 34 15.54 -7.49 -13.63
CA LEU B 34 16.24 -8.46 -12.81
C LEU B 34 16.63 -9.73 -13.57
N ARG B 35 17.90 -10.13 -13.38
CA ARG B 35 18.45 -11.36 -13.93
C ARG B 35 18.85 -12.22 -12.73
N LEU B 36 18.35 -13.46 -12.68
CA LEU B 36 18.65 -14.40 -11.59
C LEU B 36 19.45 -15.51 -12.21
N PHE B 37 20.54 -15.89 -11.56
CA PHE B 37 21.41 -16.93 -12.09
C PHE B 37 21.48 -18.17 -11.23
N GLY B 38 21.28 -19.33 -11.85
CA GLY B 38 21.34 -20.56 -11.08
C GLY B 38 21.40 -21.78 -11.98
N GLU B 39 22.24 -22.75 -11.58
CA GLU B 39 22.40 -24.00 -12.33
C GLU B 39 22.70 -23.74 -13.80
N GLY B 40 23.44 -22.67 -14.06
CA GLY B 40 23.79 -22.33 -15.43
C GLY B 40 22.67 -21.75 -16.23
N LEU B 41 21.57 -21.36 -15.58
CA LEU B 41 20.43 -20.80 -16.28
C LEU B 41 20.21 -19.35 -15.86
N GLU B 42 19.35 -18.64 -16.58
CA GLU B 42 19.06 -17.24 -16.29
C GLU B 42 17.55 -16.99 -16.30
N GLY B 43 17.05 -16.46 -15.18
CA GLY B 43 15.64 -16.14 -15.07
C GLY B 43 15.52 -14.62 -15.18
N LEU B 44 14.49 -14.16 -15.88
CA LEU B 44 14.28 -12.74 -16.11
C LEU B 44 12.98 -12.21 -15.50
N GLY B 45 13.08 -11.03 -14.85
CA GLY B 45 11.93 -10.38 -14.23
C GLY B 45 11.96 -8.89 -14.57
N GLU B 46 10.80 -8.27 -14.77
CA GLU B 46 10.71 -6.86 -15.15
C GLU B 46 9.69 -6.10 -14.30
N GLY B 47 10.11 -5.00 -13.67
CA GLY B 47 9.18 -4.26 -12.83
C GLY B 47 8.18 -3.38 -13.57
N VAL B 48 6.95 -3.28 -13.07
CA VAL B 48 5.97 -2.45 -13.75
C VAL B 48 5.70 -1.16 -13.00
N MET B 49 6.36 -0.97 -11.86
CA MET B 49 6.21 0.27 -11.09
C MET B 49 7.00 1.38 -11.81
N GLU B 50 6.64 2.63 -11.55
CA GLU B 50 7.26 3.77 -12.20
C GLU B 50 7.95 4.72 -11.23
N ARG B 51 8.43 5.85 -11.74
CA ARG B 51 9.11 6.82 -10.87
C ARG B 51 8.15 7.50 -9.89
N LEU B 52 6.91 7.68 -10.31
CA LEU B 52 5.89 8.32 -9.47
C LEU B 52 4.77 7.30 -9.14
N PRO B 53 4.23 7.34 -7.90
CA PRO B 53 3.15 6.42 -7.48
C PRO B 53 1.80 6.89 -8.02
N LEU B 54 1.58 6.75 -9.33
CA LEU B 54 0.35 7.26 -9.94
C LEU B 54 -0.69 6.17 -10.16
N TYR B 55 -0.26 5.04 -10.69
CA TYR B 55 -1.17 3.90 -10.88
C TYR B 55 -1.44 3.32 -9.48
N ARG B 56 -0.38 3.11 -8.70
CA ARG B 56 -0.50 2.66 -7.32
C ARG B 56 0.69 3.17 -6.47
N GLU B 57 0.83 2.67 -5.25
CA GLU B 57 1.78 3.23 -4.31
C GLU B 57 3.27 3.00 -4.42
N GLU B 58 3.68 2.03 -5.23
CA GLU B 58 5.10 1.69 -5.31
C GLU B 58 5.85 2.58 -6.29
N THR B 59 7.16 2.69 -6.08
CA THR B 59 8.03 3.45 -6.99
C THR B 59 9.26 2.61 -7.32
N VAL B 60 9.96 3.00 -8.38
CA VAL B 60 11.16 2.29 -8.77
C VAL B 60 12.16 2.37 -7.61
N ALA B 61 12.27 3.56 -7.00
CA ALA B 61 13.20 3.74 -5.88
C ALA B 61 12.84 2.83 -4.69
N GLY B 62 11.56 2.80 -4.31
CA GLY B 62 11.14 1.98 -3.19
C GLY B 62 11.35 0.50 -3.49
N ALA B 63 11.07 0.11 -4.74
CA ALA B 63 11.20 -1.31 -5.10
C ALA B 63 12.68 -1.69 -5.22
N ARG B 64 13.48 -0.76 -5.74
CA ARG B 64 14.93 -1.04 -5.85
C ARG B 64 15.51 -1.31 -4.45
N TYR B 65 15.16 -0.47 -3.47
CA TYR B 65 15.63 -0.68 -2.11
C TYR B 65 15.24 -2.06 -1.58
N LEU B 66 13.96 -2.43 -1.73
CA LEU B 66 13.51 -3.73 -1.24
C LEU B 66 14.23 -4.88 -1.94
N LEU B 67 14.33 -4.85 -3.26
CA LEU B 67 14.97 -5.97 -3.93
C LEU B 67 16.46 -6.05 -3.58
N GLU B 68 17.17 -4.93 -3.71
CA GLU B 68 18.59 -4.92 -3.44
C GLU B 68 19.04 -5.19 -2.02
N GLU B 69 18.38 -4.57 -1.05
CA GLU B 69 18.80 -4.70 0.35
C GLU B 69 17.99 -5.62 1.24
N VAL B 70 16.79 -6.00 0.79
CA VAL B 70 15.97 -6.87 1.60
C VAL B 70 15.66 -8.23 0.97
N PHE B 71 15.02 -8.24 -0.21
CA PHE B 71 14.63 -9.52 -0.83
C PHE B 71 15.78 -10.40 -1.35
N LEU B 72 16.66 -9.84 -2.16
CA LEU B 72 17.75 -10.67 -2.68
C LEU B 72 18.68 -11.20 -1.58
N PRO B 73 19.06 -10.35 -0.60
CA PRO B 73 19.95 -10.88 0.46
C PRO B 73 19.30 -12.06 1.20
N ARG B 74 17.99 -11.97 1.37
CA ARG B 74 17.23 -13.01 2.03
C ARG B 74 17.19 -14.34 1.27
N VAL B 75 17.17 -14.31 -0.07
CA VAL B 75 17.09 -15.55 -0.83
C VAL B 75 18.36 -16.04 -1.50
N LEU B 76 19.34 -15.15 -1.64
CA LEU B 76 20.58 -15.56 -2.30
C LEU B 76 21.22 -16.78 -1.65
N GLY B 77 21.56 -17.77 -2.48
CA GLY B 77 22.21 -18.97 -1.98
C GLY B 77 21.34 -19.99 -1.25
N ARG B 78 20.06 -19.67 -1.03
CA ARG B 78 19.16 -20.57 -0.32
C ARG B 78 18.52 -21.61 -1.23
N ASP B 79 18.25 -22.78 -0.67
CA ASP B 79 17.58 -23.85 -1.42
C ASP B 79 16.09 -23.50 -1.52
N LEU B 80 15.62 -23.21 -2.73
CA LEU B 80 14.20 -22.90 -2.92
C LEU B 80 13.65 -24.02 -3.80
N PRO B 81 13.00 -25.01 -3.21
CA PRO B 81 12.45 -26.13 -3.98
C PRO B 81 11.45 -25.75 -5.07
N ASN B 82 10.68 -24.69 -4.82
CA ASN B 82 9.68 -24.28 -5.79
C ASN B 82 9.29 -22.85 -5.54
N PRO B 83 8.41 -22.29 -6.39
CA PRO B 83 8.03 -20.90 -6.16
C PRO B 83 7.35 -20.63 -4.83
N GLU B 84 6.70 -21.64 -4.25
CA GLU B 84 6.03 -21.45 -2.96
C GLU B 84 7.08 -21.14 -1.87
N ALA B 85 8.26 -21.74 -2.01
CA ALA B 85 9.31 -21.49 -1.02
C ALA B 85 9.72 -20.02 -1.08
N LEU B 86 9.74 -19.48 -2.28
CA LEU B 86 10.12 -18.09 -2.48
C LEU B 86 9.07 -17.21 -1.87
N ARG B 87 7.82 -17.58 -2.09
CA ARG B 87 6.68 -16.84 -1.53
C ARG B 87 6.81 -16.75 -0.01
N GLU B 88 7.04 -17.89 0.64
CA GLU B 88 7.17 -17.90 2.09
C GLU B 88 8.35 -17.12 2.59
N ALA B 89 9.43 -17.11 1.83
CA ALA B 89 10.61 -16.36 2.24
C ALA B 89 10.28 -14.86 2.32
N LEU B 90 9.43 -14.38 1.42
CA LEU B 90 9.10 -12.94 1.41
C LEU B 90 7.86 -12.58 2.20
N ALA B 91 7.24 -13.58 2.83
CA ALA B 91 5.99 -13.37 3.55
C ALA B 91 6.01 -12.33 4.67
N PRO B 92 7.12 -12.25 5.41
CA PRO B 92 7.17 -11.26 6.50
C PRO B 92 7.03 -9.78 6.04
N PHE B 93 7.29 -9.51 4.77
CA PHE B 93 7.25 -8.14 4.27
C PHE B 93 5.87 -7.79 3.76
N ARG B 94 5.26 -6.76 4.33
CA ARG B 94 3.90 -6.40 3.95
C ARG B 94 3.80 -5.59 2.66
N GLY B 95 2.75 -5.86 1.90
CA GLY B 95 2.51 -5.14 0.65
C GLY B 95 3.64 -5.26 -0.37
N ASN B 96 3.86 -4.19 -1.12
CA ASN B 96 4.93 -4.17 -2.12
C ASN B 96 4.88 -5.33 -3.09
N PRO B 97 3.68 -5.63 -3.63
CA PRO B 97 3.55 -6.75 -4.57
C PRO B 97 4.35 -6.62 -5.88
N MET B 98 4.47 -5.41 -6.42
CA MET B 98 5.20 -5.23 -7.68
C MET B 98 6.69 -5.45 -7.46
N ALA B 99 7.21 -5.00 -6.30
CA ALA B 99 8.62 -5.23 -5.99
C ALA B 99 8.82 -6.74 -5.82
N LYS B 100 7.93 -7.40 -5.06
CA LYS B 100 8.08 -8.85 -4.89
C LYS B 100 7.96 -9.59 -6.23
N ALA B 101 7.08 -9.09 -7.10
CA ALA B 101 6.82 -9.70 -8.39
C ALA B 101 8.07 -9.78 -9.28
N VAL B 102 8.92 -8.78 -9.24
CA VAL B 102 10.11 -8.84 -10.10
C VAL B 102 10.92 -10.10 -9.81
N LEU B 103 11.10 -10.37 -8.51
CA LEU B 103 11.84 -11.52 -8.05
C LEU B 103 11.06 -12.80 -8.22
N GLU B 104 9.79 -12.77 -7.84
CA GLU B 104 8.99 -13.98 -7.93
C GLU B 104 8.82 -14.41 -9.37
N MET B 105 8.62 -13.46 -10.28
CA MET B 105 8.39 -13.83 -11.69
C MET B 105 9.73 -14.27 -12.29
N ALA B 106 10.81 -13.59 -11.92
CA ALA B 106 12.12 -14.02 -12.44
C ALA B 106 12.41 -15.41 -11.93
N PHE B 107 12.01 -15.70 -10.71
CA PHE B 107 12.25 -17.04 -10.18
C PHE B 107 11.42 -18.11 -10.89
N PHE B 108 10.14 -17.82 -11.14
CA PHE B 108 9.30 -18.77 -11.84
C PHE B 108 9.91 -19.09 -13.22
N ASP B 109 10.46 -18.06 -13.87
CA ASP B 109 11.10 -18.23 -15.18
C ASP B 109 12.29 -19.20 -15.03
N LEU B 110 13.19 -18.89 -14.11
CA LEU B 110 14.35 -19.74 -13.84
C LEU B 110 13.94 -21.18 -13.47
N TRP B 111 12.90 -21.31 -12.66
CA TRP B 111 12.42 -22.62 -12.24
C TRP B 111 11.87 -23.44 -13.43
N ALA B 112 11.07 -22.80 -14.27
CA ALA B 112 10.52 -23.47 -15.45
C ALA B 112 11.68 -23.85 -16.38
N LYS B 113 12.66 -22.94 -16.50
CA LYS B 113 13.84 -23.23 -17.32
C LYS B 113 14.58 -24.43 -16.76
N ALA B 114 14.69 -24.50 -15.43
CA ALA B 114 15.38 -25.62 -14.81
C ALA B 114 14.58 -26.91 -15.02
N LEU B 115 13.28 -26.79 -15.19
CA LEU B 115 12.46 -27.98 -15.42
C LEU B 115 12.44 -28.35 -16.88
N GLY B 116 13.05 -27.51 -17.71
CA GLY B 116 13.09 -27.76 -19.14
C GLY B 116 11.79 -27.51 -19.86
N ARG B 117 10.94 -26.62 -19.34
CA ARG B 117 9.66 -26.39 -19.99
C ARG B 117 9.29 -24.93 -20.21
N PRO B 118 8.39 -24.67 -21.19
CA PRO B 118 7.91 -23.32 -21.48
C PRO B 118 7.16 -22.93 -20.18
N LEU B 119 7.20 -21.65 -19.81
CA LEU B 119 6.52 -21.22 -18.59
C LEU B 119 5.01 -21.50 -18.63
N TRP B 120 4.37 -21.27 -19.78
CA TRP B 120 2.92 -21.51 -19.83
C TRP B 120 2.58 -22.95 -19.48
N GLN B 121 3.46 -23.88 -19.82
CA GLN B 121 3.18 -25.28 -19.55
C GLN B 121 3.20 -25.59 -18.05
N VAL B 122 4.16 -25.00 -17.35
CA VAL B 122 4.29 -25.14 -15.91
C VAL B 122 3.17 -24.41 -15.18
N LEU B 123 2.68 -23.30 -15.75
CA LEU B 123 1.60 -22.53 -15.12
C LEU B 123 0.21 -23.15 -15.31
N GLY B 124 0.08 -24.10 -16.21
CA GLY B 124 -1.21 -24.72 -16.46
C GLY B 124 -1.93 -24.12 -17.67
N GLY B 125 -1.17 -23.56 -18.60
CA GLY B 125 -1.77 -22.97 -19.79
C GLY B 125 -2.31 -24.02 -20.76
N VAL B 126 -3.26 -23.62 -21.61
CA VAL B 126 -3.87 -24.53 -22.59
C VAL B 126 -3.94 -23.96 -24.02
N ARG B 127 -3.17 -22.91 -24.29
CA ARG B 127 -3.14 -22.33 -25.65
C ARG B 127 -1.77 -21.70 -25.89
N GLN B 128 -1.47 -21.38 -27.15
CA GLN B 128 -0.18 -20.74 -27.48
C GLN B 128 -0.27 -19.43 -28.25
N ALA B 129 -1.46 -18.84 -28.29
CA ALA B 129 -1.67 -17.52 -28.89
C ALA B 129 -2.77 -16.89 -28.04
N VAL B 130 -2.69 -15.57 -27.85
CA VAL B 130 -3.61 -14.83 -27.00
C VAL B 130 -4.30 -13.77 -27.83
N GLU B 131 -5.62 -13.67 -27.67
CA GLU B 131 -6.39 -12.67 -28.39
C GLU B 131 -5.97 -11.27 -27.92
N VAL B 132 -5.91 -10.34 -28.87
CA VAL B 132 -5.46 -8.97 -28.60
C VAL B 132 -6.53 -7.90 -28.65
N GLY B 133 -6.62 -7.11 -27.58
CA GLY B 133 -7.56 -6.00 -27.54
C GLY B 133 -6.70 -4.73 -27.60
N VAL B 134 -7.33 -3.58 -27.85
CA VAL B 134 -6.58 -2.32 -27.94
C VAL B 134 -7.22 -1.29 -27.00
N SER B 135 -6.42 -0.32 -26.55
CA SER B 135 -6.90 0.72 -25.66
C SER B 135 -6.78 2.09 -26.33
N LEU B 136 -7.74 2.97 -26.01
CA LEU B 136 -7.77 4.31 -26.57
C LEU B 136 -7.99 5.36 -25.49
N GLY B 137 -7.20 6.41 -25.48
CA GLY B 137 -7.41 7.45 -24.49
C GLY B 137 -8.61 8.27 -24.90
N ILE B 138 -8.89 9.34 -24.15
CA ILE B 138 -9.98 10.22 -24.48
C ILE B 138 -9.50 11.05 -25.69
N GLN B 139 -10.29 11.04 -26.77
CA GLN B 139 -9.94 11.76 -27.99
C GLN B 139 -10.52 13.19 -28.00
N PRO B 140 -10.00 14.07 -28.88
CA PRO B 140 -10.53 15.43 -28.91
C PRO B 140 -11.99 15.51 -29.26
N SER B 141 -12.48 14.56 -30.04
CA SER B 141 -13.88 14.59 -30.42
C SER B 141 -14.42 13.21 -30.63
N VAL B 142 -15.74 13.17 -30.82
CA VAL B 142 -16.43 11.94 -31.09
C VAL B 142 -16.02 11.44 -32.47
N GLU B 143 -15.89 12.35 -33.46
CA GLU B 143 -15.48 11.94 -34.81
C GLU B 143 -14.10 11.32 -34.77
N ASP B 144 -13.18 11.95 -34.04
CA ASP B 144 -11.82 11.42 -33.90
C ASP B 144 -11.88 10.00 -33.29
N THR B 145 -12.69 9.86 -32.24
CA THR B 145 -12.83 8.57 -31.56
C THR B 145 -13.29 7.55 -32.60
N LEU B 146 -14.34 7.89 -33.34
CA LEU B 146 -14.87 6.99 -34.37
C LEU B 146 -13.78 6.60 -35.37
N ARG B 147 -12.97 7.57 -35.78
CA ARG B 147 -11.92 7.29 -36.75
C ARG B 147 -10.91 6.30 -36.24
N VAL B 148 -10.46 6.52 -35.01
CA VAL B 148 -9.47 5.64 -34.39
C VAL B 148 -10.03 4.24 -34.22
N VAL B 149 -11.24 4.14 -33.65
CA VAL B 149 -11.88 2.85 -33.46
C VAL B 149 -11.98 2.07 -34.77
N GLU B 150 -12.43 2.74 -35.84
CA GLU B 150 -12.58 2.12 -37.14
C GLU B 150 -11.26 1.53 -37.64
N ARG B 151 -10.19 2.29 -37.44
CA ARG B 151 -8.86 1.86 -37.85
C ARG B 151 -8.44 0.59 -37.09
N HIS B 152 -8.60 0.60 -35.77
CA HIS B 152 -8.22 -0.56 -34.98
C HIS B 152 -9.04 -1.79 -35.30
N LEU B 153 -10.28 -1.57 -35.72
CA LEU B 153 -11.14 -2.68 -36.10
C LEU B 153 -10.61 -3.25 -37.42
N GLU B 154 -10.22 -2.38 -38.34
CA GLU B 154 -9.67 -2.86 -39.63
C GLU B 154 -8.39 -3.62 -39.36
N GLU B 155 -7.62 -3.17 -38.38
CA GLU B 155 -6.37 -3.81 -38.00
C GLU B 155 -6.54 -5.21 -37.40
N GLY B 156 -7.76 -5.56 -37.01
CA GLY B 156 -7.99 -6.89 -36.45
C GLY B 156 -8.05 -7.06 -34.94
N TYR B 157 -8.01 -5.96 -34.18
CA TYR B 157 -8.10 -6.06 -32.72
C TYR B 157 -9.44 -6.70 -32.34
N ARG B 158 -9.46 -7.50 -31.28
CA ARG B 158 -10.69 -8.17 -30.93
C ARG B 158 -11.53 -7.55 -29.83
N ARG B 159 -11.10 -6.38 -29.35
CA ARG B 159 -11.83 -5.65 -28.34
C ARG B 159 -11.31 -4.23 -28.36
N ILE B 160 -12.22 -3.29 -28.23
CA ILE B 160 -11.86 -1.89 -28.21
C ILE B 160 -12.21 -1.34 -26.84
N LYS B 161 -11.22 -0.77 -26.17
CA LYS B 161 -11.41 -0.19 -24.85
C LYS B 161 -11.29 1.33 -24.99
N LEU B 162 -12.29 2.04 -24.51
CA LEU B 162 -12.30 3.50 -24.53
C LEU B 162 -12.32 4.08 -23.15
N LYS B 163 -11.37 4.97 -22.90
CA LYS B 163 -11.31 5.68 -21.64
C LYS B 163 -12.52 6.66 -21.60
N ILE B 164 -13.15 6.80 -20.44
CA ILE B 164 -14.30 7.69 -20.31
C ILE B 164 -14.15 8.44 -18.99
N LYS B 165 -15.05 9.39 -18.76
CA LYS B 165 -15.06 10.15 -17.51
C LYS B 165 -16.39 10.89 -17.46
N PRO B 166 -16.77 11.37 -16.26
CA PRO B 166 -18.04 12.10 -16.15
C PRO B 166 -18.02 13.24 -17.18
N GLY B 167 -19.11 13.40 -17.92
CA GLY B 167 -19.15 14.45 -18.93
C GLY B 167 -18.70 13.96 -20.30
N TRP B 168 -18.05 12.79 -20.34
CA TRP B 168 -17.58 12.21 -21.59
C TRP B 168 -17.63 10.67 -21.52
N ASP B 169 -18.87 10.15 -21.54
CA ASP B 169 -19.09 8.72 -21.50
C ASP B 169 -20.24 8.25 -22.40
N TYR B 170 -21.49 8.52 -22.02
CA TYR B 170 -22.61 8.07 -22.81
C TYR B 170 -22.65 8.49 -24.30
N GLU B 171 -22.49 9.77 -24.60
CA GLU B 171 -22.56 10.18 -26.02
C GLU B 171 -21.43 9.59 -26.87
N VAL B 172 -20.21 9.61 -26.35
CA VAL B 172 -19.13 9.06 -27.15
C VAL B 172 -19.29 7.55 -27.31
N LEU B 173 -19.58 6.84 -26.22
CA LEU B 173 -19.77 5.39 -26.32
C LEU B 173 -20.98 5.04 -27.20
N LYS B 174 -22.05 5.82 -27.09
CA LYS B 174 -23.25 5.56 -27.88
C LYS B 174 -22.95 5.73 -29.39
N ALA B 175 -22.15 6.74 -29.71
CA ALA B 175 -21.79 6.99 -31.11
C ALA B 175 -20.99 5.79 -31.66
N VAL B 176 -20.04 5.31 -30.86
CA VAL B 176 -19.19 4.19 -31.28
C VAL B 176 -20.04 2.95 -31.46
N ARG B 177 -20.93 2.70 -30.51
CA ARG B 177 -21.82 1.53 -30.57
C ARG B 177 -22.73 1.60 -31.82
N GLU B 178 -23.26 2.77 -32.12
CA GLU B 178 -24.14 2.86 -33.29
C GLU B 178 -23.36 2.60 -34.59
N ALA B 179 -22.17 3.16 -34.69
CA ALA B 179 -21.32 2.99 -35.87
C ALA B 179 -20.83 1.56 -36.01
N PHE B 180 -20.61 0.87 -34.89
CA PHE B 180 -20.10 -0.50 -34.91
C PHE B 180 -20.96 -1.36 -33.99
N PRO B 181 -22.16 -1.74 -34.44
CA PRO B 181 -23.13 -2.56 -33.70
C PRO B 181 -22.66 -3.91 -33.21
N GLU B 182 -21.67 -4.49 -33.87
CA GLU B 182 -21.19 -5.80 -33.48
C GLU B 182 -19.86 -5.80 -32.75
N ALA B 183 -19.20 -4.63 -32.68
CA ALA B 183 -17.89 -4.55 -32.03
C ALA B 183 -17.91 -4.88 -30.52
N THR B 184 -16.85 -5.49 -30.02
CA THR B 184 -16.76 -5.76 -28.57
C THR B 184 -16.18 -4.48 -28.02
N LEU B 185 -17.01 -3.73 -27.27
CA LEU B 185 -16.62 -2.44 -26.73
C LEU B 185 -16.58 -2.48 -25.21
N THR B 186 -15.59 -1.79 -24.69
CA THR B 186 -15.30 -1.79 -23.28
C THR B 186 -14.98 -0.33 -22.90
N ALA B 187 -15.15 0.03 -21.61
CA ALA B 187 -14.84 1.38 -21.11
C ALA B 187 -13.80 1.28 -19.98
N ASP B 188 -12.91 2.26 -19.89
CA ASP B 188 -11.93 2.31 -18.80
C ASP B 188 -12.40 3.55 -18.05
N ALA B 189 -13.12 3.34 -16.96
CA ALA B 189 -13.67 4.47 -16.22
C ALA B 189 -12.65 5.14 -15.31
N ASN B 190 -11.44 4.58 -15.26
CA ASN B 190 -10.31 5.27 -14.62
C ASN B 190 -10.48 5.82 -13.19
N SER B 191 -11.24 5.15 -12.35
CA SER B 191 -11.48 5.64 -11.00
C SER B 191 -11.95 7.09 -11.02
N ALA B 192 -12.62 7.49 -12.10
CA ALA B 192 -13.09 8.87 -12.26
C ALA B 192 -14.50 9.17 -11.72
N TYR B 193 -15.15 8.13 -11.19
CA TYR B 193 -16.50 8.25 -10.67
C TYR B 193 -16.63 7.92 -9.18
N SER B 194 -17.83 8.20 -8.64
CA SER B 194 -18.19 7.89 -7.27
C SER B 194 -19.64 7.37 -7.36
N LEU B 195 -20.21 6.90 -6.25
CA LEU B 195 -21.60 6.43 -6.28
C LEU B 195 -22.52 7.61 -6.58
N ALA B 196 -21.97 8.81 -6.49
CA ALA B 196 -22.78 10.00 -6.81
C ALA B 196 -23.16 9.93 -8.30
N ASN B 197 -22.29 9.31 -9.10
CA ASN B 197 -22.50 9.15 -10.55
C ASN B 197 -23.23 7.87 -10.95
N LEU B 198 -23.90 7.23 -10.00
CA LEU B 198 -24.60 5.99 -10.32
C LEU B 198 -25.51 6.11 -11.56
N ALA B 199 -26.23 7.22 -11.69
CA ALA B 199 -27.13 7.37 -12.83
C ALA B 199 -26.40 7.39 -14.17
N GLN B 200 -25.30 8.15 -14.25
CA GLN B 200 -24.52 8.26 -15.46
C GLN B 200 -23.96 6.90 -15.83
N LEU B 201 -23.54 6.13 -14.83
CA LEU B 201 -22.96 4.81 -15.13
C LEU B 201 -24.05 3.83 -15.55
N LYS B 202 -25.18 3.83 -14.84
CA LYS B 202 -26.28 2.93 -15.19
C LYS B 202 -26.78 3.25 -16.61
N ARG B 203 -26.69 4.51 -17.02
CA ARG B 203 -27.12 4.89 -18.37
C ARG B 203 -26.37 4.11 -19.45
N LEU B 204 -25.16 3.67 -19.13
CA LEU B 204 -24.35 2.93 -20.10
C LEU B 204 -24.83 1.49 -20.33
N ASP B 205 -25.73 1.01 -19.48
CA ASP B 205 -26.22 -0.37 -19.61
C ASP B 205 -26.83 -0.62 -21.00
N GLU B 206 -27.49 0.39 -21.55
CA GLU B 206 -28.14 0.25 -22.85
C GLU B 206 -27.15 0.08 -24.02
N LEU B 207 -25.89 0.45 -23.82
CA LEU B 207 -24.89 0.35 -24.87
C LEU B 207 -24.24 -1.03 -25.03
N ARG B 208 -24.60 -1.94 -24.13
CA ARG B 208 -24.08 -3.29 -24.15
C ARG B 208 -22.55 -3.38 -24.20
N LEU B 209 -21.88 -2.69 -23.30
CA LEU B 209 -20.42 -2.76 -23.18
C LEU B 209 -20.06 -4.14 -22.62
N ASP B 210 -18.90 -4.66 -22.96
CA ASP B 210 -18.52 -5.97 -22.44
C ASP B 210 -18.22 -5.85 -20.94
N TYR B 211 -17.73 -4.67 -20.54
CA TYR B 211 -17.43 -4.36 -19.14
C TYR B 211 -16.98 -2.92 -18.97
N ILE B 212 -17.11 -2.42 -17.75
CA ILE B 212 -16.67 -1.08 -17.42
C ILE B 212 -15.59 -1.28 -16.37
N GLU B 213 -14.37 -0.84 -16.69
CA GLU B 213 -13.26 -1.02 -15.78
C GLU B 213 -13.06 0.03 -14.70
N GLN B 214 -12.94 -0.47 -13.46
CA GLN B 214 -12.63 0.31 -12.27
C GLN B 214 -13.16 1.75 -12.26
N PRO B 215 -14.48 1.91 -12.24
CA PRO B 215 -15.07 3.27 -12.24
C PRO B 215 -14.90 4.02 -10.94
N LEU B 216 -14.84 3.30 -9.81
CA LEU B 216 -14.73 3.95 -8.51
C LEU B 216 -13.31 3.91 -7.95
N ALA B 217 -13.16 4.18 -6.66
CA ALA B 217 -11.82 4.28 -6.08
C ALA B 217 -10.90 3.10 -6.33
N TYR B 218 -9.64 3.43 -6.60
CA TYR B 218 -8.62 2.43 -6.90
C TYR B 218 -8.38 1.34 -5.83
N ASP B 219 -8.73 1.59 -4.56
CA ASP B 219 -8.54 0.61 -3.50
C ASP B 219 -9.86 0.17 -2.87
N ASP B 220 -10.94 0.28 -3.64
CA ASP B 220 -12.25 -0.09 -3.12
C ASP B 220 -12.87 -1.39 -3.66
N LEU B 221 -13.64 -2.04 -2.81
CA LEU B 221 -14.43 -3.19 -3.22
C LEU B 221 -15.89 -2.95 -2.79
N LEU B 222 -16.09 -2.35 -1.61
CA LEU B 222 -17.48 -2.16 -1.09
C LEU B 222 -18.40 -1.28 -1.96
N ASP B 223 -17.90 -0.12 -2.38
CA ASP B 223 -18.74 0.75 -3.18
C ASP B 223 -18.95 0.16 -4.57
N HIS B 224 -17.92 -0.49 -5.13
CA HIS B 224 -18.09 -1.12 -6.44
C HIS B 224 -19.19 -2.21 -6.36
N ALA B 225 -19.26 -2.91 -5.23
CA ALA B 225 -20.29 -3.95 -5.08
C ALA B 225 -21.69 -3.32 -5.09
N LYS B 226 -21.84 -2.18 -4.42
CA LYS B 226 -23.11 -1.43 -4.41
C LYS B 226 -23.46 -1.02 -5.86
N LEU B 227 -22.45 -0.54 -6.59
CA LEU B 227 -22.64 -0.13 -8.00
C LEU B 227 -23.02 -1.32 -8.87
N GLN B 228 -22.26 -2.41 -8.74
CA GLN B 228 -22.51 -3.60 -9.55
C GLN B 228 -23.91 -4.16 -9.43
N ARG B 229 -24.48 -4.09 -8.23
CA ARG B 229 -25.82 -4.61 -8.04
C ARG B 229 -26.81 -3.81 -8.86
N GLU B 230 -26.47 -2.57 -9.20
CA GLU B 230 -27.42 -1.75 -9.95
C GLU B 230 -27.23 -1.81 -11.44
N LEU B 231 -26.12 -2.41 -11.88
CA LEU B 231 -25.82 -2.47 -13.31
C LEU B 231 -25.86 -3.86 -13.92
N SER B 232 -26.38 -3.94 -15.15
CA SER B 232 -26.37 -5.21 -15.86
C SER B 232 -24.98 -5.38 -16.49
N THR B 233 -24.32 -4.27 -16.80
CA THR B 233 -22.98 -4.34 -17.39
C THR B 233 -22.01 -4.82 -16.32
N PRO B 234 -21.12 -5.76 -16.67
CA PRO B 234 -20.14 -6.25 -15.69
C PRO B 234 -19.13 -5.16 -15.30
N ILE B 235 -18.88 -5.01 -14.00
CA ILE B 235 -17.86 -4.10 -13.55
C ILE B 235 -16.56 -4.93 -13.59
N CYS B 236 -15.50 -4.36 -14.14
CA CYS B 236 -14.22 -5.07 -14.22
C CYS B 236 -13.29 -4.42 -13.20
N LEU B 237 -12.66 -5.22 -12.34
CA LEU B 237 -11.73 -4.67 -11.33
C LEU B 237 -10.25 -4.77 -11.78
N ASP B 238 -9.48 -3.72 -11.54
CA ASP B 238 -8.07 -3.66 -11.87
C ASP B 238 -7.28 -3.31 -10.59
N GLU B 239 -7.14 -2.02 -10.27
CA GLU B 239 -6.34 -1.60 -9.13
C GLU B 239 -6.79 -2.22 -7.81
N SER B 240 -8.08 -2.48 -7.67
CA SER B 240 -8.59 -3.06 -6.40
C SER B 240 -8.10 -4.47 -6.10
N LEU B 241 -7.81 -5.21 -7.16
CA LEU B 241 -7.35 -6.61 -7.05
C LEU B 241 -5.85 -6.72 -6.81
N THR B 242 -5.46 -6.60 -5.54
CA THR B 242 -4.04 -6.64 -5.20
C THR B 242 -3.57 -7.99 -4.72
N GLY B 243 -4.48 -8.94 -4.60
CA GLY B 243 -4.08 -10.28 -4.15
C GLY B 243 -5.27 -11.22 -4.08
N ALA B 244 -5.01 -12.48 -3.77
CA ALA B 244 -6.09 -13.45 -3.71
C ALA B 244 -7.15 -13.11 -2.65
N GLU B 245 -6.74 -12.58 -1.50
CA GLU B 245 -7.73 -12.23 -0.47
C GLU B 245 -8.71 -11.17 -0.97
N LYS B 246 -8.21 -10.17 -1.70
CA LYS B 246 -9.11 -9.15 -2.24
C LYS B 246 -10.01 -9.78 -3.30
N ALA B 247 -9.45 -10.70 -4.08
CA ALA B 247 -10.27 -11.37 -5.09
C ALA B 247 -11.36 -12.20 -4.38
N ARG B 248 -11.02 -12.88 -3.29
CA ARG B 248 -12.02 -13.67 -2.56
C ARG B 248 -13.09 -12.71 -2.03
N LYS B 249 -12.65 -11.59 -1.47
CA LYS B 249 -13.63 -10.63 -0.96
C LYS B 249 -14.47 -10.01 -2.09
N ALA B 250 -13.88 -9.83 -3.26
CA ALA B 250 -14.67 -9.28 -4.38
C ALA B 250 -15.79 -10.27 -4.76
N ILE B 251 -15.48 -11.56 -4.70
CA ILE B 251 -16.50 -12.57 -5.02
C ILE B 251 -17.60 -12.59 -3.97
N GLU B 252 -17.22 -12.55 -2.68
CA GLU B 252 -18.22 -12.52 -1.62
C GLU B 252 -19.15 -11.31 -1.72
N LEU B 253 -18.58 -10.17 -2.05
CA LEU B 253 -19.37 -8.96 -2.10
C LEU B 253 -20.06 -8.77 -3.44
N GLY B 254 -19.57 -9.45 -4.47
CA GLY B 254 -20.14 -9.22 -5.80
C GLY B 254 -19.63 -7.86 -6.29
N ALA B 255 -18.37 -7.55 -5.99
CA ALA B 255 -17.79 -6.25 -6.34
C ALA B 255 -17.47 -6.10 -7.83
N GLY B 256 -17.39 -7.23 -8.54
CA GLY B 256 -17.13 -7.15 -9.97
C GLY B 256 -17.38 -8.47 -10.65
N ARG B 257 -17.72 -8.44 -11.94
CA ARG B 257 -18.00 -9.71 -12.62
C ARG B 257 -16.97 -10.10 -13.66
N VAL B 258 -15.95 -9.27 -13.82
CA VAL B 258 -14.82 -9.55 -14.72
C VAL B 258 -13.57 -9.07 -14.02
N PHE B 259 -12.47 -9.83 -14.12
CA PHE B 259 -11.24 -9.37 -13.49
C PHE B 259 -10.14 -9.13 -14.53
N ASN B 260 -9.46 -7.99 -14.39
CA ASN B 260 -8.32 -7.64 -15.22
C ASN B 260 -7.16 -8.21 -14.40
N VAL B 261 -6.35 -9.09 -15.00
CA VAL B 261 -5.20 -9.63 -14.29
C VAL B 261 -3.85 -9.01 -14.74
N LYS B 262 -3.13 -8.37 -13.81
CA LYS B 262 -1.79 -7.87 -14.15
C LYS B 262 -0.96 -8.63 -13.12
N PRO B 263 -0.18 -9.61 -13.57
CA PRO B 263 0.62 -10.37 -12.58
C PRO B 263 1.47 -9.56 -11.60
N ALA B 264 2.13 -8.50 -12.06
CA ALA B 264 2.97 -7.72 -11.13
C ALA B 264 2.15 -6.99 -10.07
N ARG B 265 0.97 -6.51 -10.46
CA ARG B 265 0.08 -5.83 -9.51
C ARG B 265 -0.26 -6.81 -8.37
N LEU B 266 -0.41 -8.08 -8.71
CA LEU B 266 -0.77 -9.14 -7.76
C LEU B 266 0.39 -9.69 -6.95
N GLY B 267 1.62 -9.41 -7.37
CA GLY B 267 2.74 -9.97 -6.64
C GLY B 267 3.39 -11.12 -7.38
N GLY B 268 2.94 -11.39 -8.59
CA GLY B 268 3.59 -12.48 -9.33
C GLY B 268 2.71 -13.58 -9.88
N HIS B 269 3.32 -14.63 -10.40
CA HIS B 269 2.54 -15.71 -10.99
C HIS B 269 1.87 -16.58 -9.90
N GLY B 270 2.55 -16.80 -8.79
CA GLY B 270 1.93 -17.59 -7.73
C GLY B 270 0.61 -16.93 -7.31
N GLU B 271 0.64 -15.60 -7.11
CA GLU B 271 -0.60 -14.94 -6.72
C GLU B 271 -1.64 -14.95 -7.88
N SER B 272 -1.18 -14.80 -9.11
CA SER B 272 -2.10 -14.81 -10.25
C SER B 272 -2.80 -16.14 -10.39
N LEU B 273 -2.06 -17.22 -10.14
CA LEU B 273 -2.67 -18.54 -10.25
C LEU B 273 -3.76 -18.72 -9.17
N ARG B 274 -3.57 -18.10 -8.01
CA ARG B 274 -4.56 -18.21 -6.95
C ARG B 274 -5.79 -17.41 -7.37
N VAL B 275 -5.59 -16.21 -7.91
CA VAL B 275 -6.72 -15.41 -8.37
C VAL B 275 -7.48 -16.13 -9.49
N HIS B 276 -6.73 -16.79 -10.35
CA HIS B 276 -7.28 -17.54 -11.47
C HIS B 276 -8.22 -18.64 -10.93
N ALA B 277 -7.76 -19.40 -9.94
CA ALA B 277 -8.58 -20.46 -9.35
C ALA B 277 -9.86 -19.85 -8.76
N LEU B 278 -9.73 -18.73 -8.02
CA LEU B 278 -10.90 -18.07 -7.45
C LEU B 278 -11.88 -17.63 -8.54
N ALA B 279 -11.39 -16.91 -9.55
CA ALA B 279 -12.26 -16.40 -10.62
C ALA B 279 -12.93 -17.54 -11.34
N GLU B 280 -12.14 -18.51 -11.73
CA GLU B 280 -12.69 -19.66 -12.43
C GLU B 280 -13.81 -20.33 -11.61
N SER B 281 -13.63 -20.42 -10.30
CA SER B 281 -14.65 -21.09 -9.46
C SER B 281 -15.98 -20.35 -9.33
N ALA B 282 -15.96 -19.05 -9.69
CA ALA B 282 -17.10 -18.16 -9.66
C ALA B 282 -17.56 -17.76 -11.07
N GLY B 283 -16.95 -18.37 -12.08
CA GLY B 283 -17.30 -18.07 -13.46
C GLY B 283 -16.99 -16.63 -13.84
N ILE B 284 -15.94 -16.06 -13.26
CA ILE B 284 -15.60 -14.65 -13.53
C ILE B 284 -14.50 -14.65 -14.59
N PRO B 285 -14.79 -14.09 -15.78
CA PRO B 285 -13.83 -14.02 -16.89
C PRO B 285 -12.59 -13.20 -16.53
N LEU B 286 -11.43 -13.62 -17.05
CA LEU B 286 -10.21 -12.86 -16.84
C LEU B 286 -9.65 -12.41 -18.19
N TRP B 287 -8.88 -11.32 -18.16
CA TRP B 287 -8.17 -10.89 -19.38
C TRP B 287 -6.86 -10.31 -18.86
N MET B 288 -5.83 -10.39 -19.70
CA MET B 288 -4.50 -9.94 -19.34
C MET B 288 -4.32 -8.46 -19.53
N GLY B 289 -4.03 -7.76 -18.44
CA GLY B 289 -3.83 -6.31 -18.51
C GLY B 289 -2.41 -5.96 -18.93
N GLY B 290 -2.19 -4.71 -19.32
CA GLY B 290 -0.86 -4.32 -19.74
C GLY B 290 -0.36 -3.14 -18.93
N MET B 291 0.96 -3.06 -18.78
CA MET B 291 1.56 -1.97 -18.05
C MET B 291 2.75 -1.40 -18.84
N LEU B 292 2.60 -1.30 -20.15
CA LEU B 292 3.67 -0.75 -21.01
C LEU B 292 4.97 -1.47 -20.79
N GLU B 293 4.92 -2.80 -20.81
CA GLU B 293 6.10 -3.58 -20.59
C GLU B 293 7.06 -3.68 -21.77
N ALA B 294 8.36 -3.84 -21.46
CA ALA B 294 9.39 -4.09 -22.47
C ALA B 294 9.18 -5.59 -22.71
N GLY B 295 10.06 -6.23 -23.50
CA GLY B 295 9.90 -7.64 -23.85
C GLY B 295 9.81 -8.74 -22.78
N VAL B 296 10.54 -8.57 -21.68
CA VAL B 296 10.54 -9.55 -20.61
C VAL B 296 9.14 -9.59 -19.98
N GLY B 297 8.60 -8.43 -19.62
CA GLY B 297 7.26 -8.38 -19.03
C GLY B 297 6.17 -8.83 -19.99
N ARG B 298 6.25 -8.39 -21.25
CA ARG B 298 5.26 -8.76 -22.24
C ARG B 298 5.24 -10.28 -22.43
N ALA B 299 6.43 -10.90 -22.41
CA ALA B 299 6.54 -12.36 -22.55
C ALA B 299 5.92 -13.05 -21.32
N HIS B 300 6.26 -12.57 -20.11
CA HIS B 300 5.65 -13.14 -18.90
C HIS B 300 4.12 -13.05 -19.01
N ASN B 301 3.63 -11.90 -19.45
CA ASN B 301 2.18 -11.71 -19.53
C ASN B 301 1.57 -12.71 -20.51
N LEU B 302 2.26 -12.94 -21.62
CA LEU B 302 1.73 -13.88 -22.61
C LEU B 302 1.64 -15.31 -22.09
N HIS B 303 2.67 -15.78 -21.40
CA HIS B 303 2.66 -17.13 -20.85
C HIS B 303 1.51 -17.29 -19.84
N LEU B 304 1.32 -16.31 -18.96
CA LEU B 304 0.22 -16.39 -17.99
C LEU B 304 -1.17 -16.31 -18.64
N ALA B 305 -1.28 -15.55 -19.73
CA ALA B 305 -2.55 -15.37 -20.41
C ALA B 305 -3.06 -16.61 -21.16
N THR B 306 -2.27 -17.67 -21.14
CA THR B 306 -2.66 -18.93 -21.78
C THR B 306 -3.57 -19.77 -20.86
N LEU B 307 -3.68 -19.40 -19.58
CA LEU B 307 -4.50 -20.19 -18.65
C LEU B 307 -5.98 -20.20 -19.08
N PRO B 308 -6.68 -21.30 -18.78
CA PRO B 308 -8.10 -21.44 -19.16
C PRO B 308 -9.07 -20.31 -18.78
N GLY B 309 -8.89 -19.73 -17.60
CA GLY B 309 -9.79 -18.68 -17.15
C GLY B 309 -9.66 -17.38 -17.92
N PHE B 310 -8.62 -17.23 -18.74
CA PHE B 310 -8.48 -16.00 -19.52
C PHE B 310 -9.31 -16.20 -20.76
N THR B 311 -10.51 -15.62 -20.77
CA THR B 311 -11.40 -15.83 -21.90
C THR B 311 -11.72 -14.58 -22.70
N LYS B 312 -11.08 -13.47 -22.38
CA LYS B 312 -11.35 -12.23 -23.11
C LYS B 312 -10.02 -11.68 -23.60
N PRO B 313 -10.02 -10.91 -24.69
CA PRO B 313 -8.75 -10.36 -25.24
C PRO B 313 -8.00 -9.47 -24.24
N GLY B 314 -6.67 -9.54 -24.28
CA GLY B 314 -5.85 -8.78 -23.37
C GLY B 314 -5.07 -7.65 -24.01
N ASP B 315 -4.44 -6.82 -23.17
CA ASP B 315 -3.67 -5.70 -23.69
C ASP B 315 -2.26 -6.24 -23.90
N VAL B 316 -2.12 -7.07 -24.93
CA VAL B 316 -0.84 -7.70 -25.24
C VAL B 316 -0.54 -7.48 -26.73
N SER B 317 -0.62 -6.22 -27.15
CA SER B 317 -0.38 -5.89 -28.55
C SER B 317 1.10 -5.89 -28.92
N SER B 318 1.38 -5.64 -30.19
CA SER B 318 2.75 -5.68 -30.67
C SER B 318 3.75 -4.79 -29.93
N ALA B 319 4.92 -5.35 -29.66
CA ALA B 319 5.97 -4.59 -28.98
C ALA B 319 6.30 -3.33 -29.79
N SER B 320 6.21 -3.44 -31.11
CA SER B 320 6.52 -2.31 -32.00
C SER B 320 5.59 -1.11 -31.85
N ARG B 321 4.47 -1.27 -31.16
CA ARG B 321 3.59 -0.13 -30.96
C ARG B 321 4.16 0.71 -29.82
N TYR B 322 5.06 0.10 -29.05
CA TYR B 322 5.65 0.75 -27.89
C TYR B 322 7.08 1.17 -28.02
N TRP B 323 7.88 0.31 -28.64
CA TRP B 323 9.32 0.54 -28.70
C TRP B 323 9.94 0.54 -30.09
N GLU B 324 10.91 1.44 -30.31
CA GLU B 324 11.60 1.51 -31.59
C GLU B 324 12.52 0.30 -31.56
N GLU B 325 13.00 0.00 -30.34
CA GLU B 325 13.87 -1.13 -30.11
C GLU B 325 13.51 -1.67 -28.72
N ASP B 326 13.28 -2.98 -28.66
CA ASP B 326 12.93 -3.64 -27.39
C ASP B 326 14.19 -4.25 -26.78
N ILE B 327 14.12 -4.64 -25.52
CA ILE B 327 15.28 -5.22 -24.86
C ILE B 327 15.48 -6.72 -25.11
N VAL B 328 14.62 -7.34 -25.90
CA VAL B 328 14.80 -8.76 -26.18
C VAL B 328 15.05 -8.95 -27.68
N GLU B 329 15.73 -10.02 -28.05
CA GLU B 329 16.02 -10.28 -29.46
C GLU B 329 14.76 -10.55 -30.25
N GLU B 330 13.79 -11.22 -29.61
CA GLU B 330 12.53 -11.55 -30.25
C GLU B 330 11.65 -10.36 -30.57
N ALA B 331 11.00 -10.43 -31.72
CA ALA B 331 10.07 -9.42 -32.17
C ALA B 331 8.69 -9.90 -31.73
N LEU B 332 8.20 -9.40 -30.61
CA LEU B 332 6.88 -9.83 -30.12
C LEU B 332 5.78 -9.08 -30.87
N GLU B 333 5.42 -9.61 -32.03
CA GLU B 333 4.42 -8.97 -32.89
C GLU B 333 3.17 -9.79 -33.09
N ALA B 334 2.02 -9.14 -32.96
CA ALA B 334 0.74 -9.81 -33.13
C ALA B 334 0.32 -9.75 -34.57
N LYS B 335 -0.64 -10.60 -34.93
CA LYS B 335 -1.15 -10.65 -36.30
C LYS B 335 -2.60 -11.16 -36.27
N ASP B 336 -3.46 -10.52 -37.05
CA ASP B 336 -4.89 -10.88 -37.14
C ASP B 336 -5.53 -11.15 -35.76
N GLY B 337 -5.42 -10.15 -34.87
CA GLY B 337 -5.99 -10.23 -33.53
C GLY B 337 -5.36 -11.22 -32.55
N LEU B 338 -4.25 -11.83 -32.95
CA LEU B 338 -3.60 -12.85 -32.12
C LEU B 338 -2.13 -12.63 -31.85
N MET B 339 -1.72 -12.82 -30.59
CA MET B 339 -0.30 -12.69 -30.21
C MET B 339 0.25 -14.06 -29.86
N PRO B 340 1.25 -14.55 -30.60
CA PRO B 340 1.79 -15.86 -30.24
C PRO B 340 2.60 -15.81 -28.98
N VAL B 341 2.64 -16.92 -28.25
CA VAL B 341 3.43 -17.00 -27.03
C VAL B 341 4.84 -17.33 -27.51
N PRO B 342 5.86 -16.54 -27.11
CA PRO B 342 7.22 -16.86 -27.58
C PRO B 342 7.68 -18.25 -27.16
N GLU B 343 8.27 -18.97 -28.12
CA GLU B 343 8.74 -20.33 -27.91
C GLU B 343 10.01 -20.44 -27.13
N GLY B 344 10.21 -21.62 -26.54
CA GLY B 344 11.41 -21.84 -25.74
C GLY B 344 11.09 -22.13 -24.29
N VAL B 345 12.09 -22.57 -23.54
CA VAL B 345 11.85 -22.88 -22.13
C VAL B 345 11.64 -21.56 -21.38
N GLY B 346 10.89 -21.63 -20.28
CA GLY B 346 10.63 -20.41 -19.51
C GLY B 346 9.83 -19.39 -20.33
N ILE B 347 10.17 -18.11 -20.22
CA ILE B 347 9.40 -17.10 -20.94
C ILE B 347 9.74 -17.04 -22.42
N GLY B 348 10.79 -17.73 -22.82
CA GLY B 348 11.11 -17.78 -24.24
C GLY B 348 11.75 -16.59 -24.94
N VAL B 349 12.26 -15.63 -24.18
CA VAL B 349 12.91 -14.49 -24.82
C VAL B 349 14.32 -14.36 -24.30
N HIS B 350 15.16 -13.67 -25.06
CA HIS B 350 16.56 -13.47 -24.69
C HIS B 350 16.94 -11.99 -24.71
N LEU B 351 17.60 -11.54 -23.66
CA LEU B 351 18.01 -10.15 -23.58
C LEU B 351 19.11 -9.86 -24.59
N LYS B 352 19.09 -8.65 -25.14
CA LYS B 352 20.15 -8.18 -26.04
C LYS B 352 21.01 -7.34 -25.08
N LEU B 353 22.03 -7.94 -24.47
CA LEU B 353 22.84 -7.22 -23.50
C LEU B 353 23.46 -5.91 -23.98
N PRO B 354 23.96 -5.85 -25.22
CA PRO B 354 24.54 -4.59 -25.68
C PRO B 354 23.52 -3.45 -25.61
N PHE B 355 22.33 -3.65 -26.17
CA PHE B 355 21.33 -2.59 -26.11
C PHE B 355 20.95 -2.29 -24.65
N VAL B 356 20.81 -3.35 -23.83
CA VAL B 356 20.45 -3.18 -22.41
C VAL B 356 21.48 -2.27 -21.71
N GLU B 357 22.77 -2.53 -21.93
CA GLU B 357 23.80 -1.70 -21.31
C GLU B 357 23.68 -0.26 -21.71
N ARG B 358 23.37 0.00 -22.98
CA ARG B 358 23.25 1.37 -23.47
C ARG B 358 22.10 2.14 -22.81
N VAL B 359 21.07 1.42 -22.37
CA VAL B 359 19.95 2.12 -21.73
C VAL B 359 19.92 1.91 -20.21
N THR B 360 21.02 1.41 -19.66
CA THR B 360 21.13 1.21 -18.21
C THR B 360 21.55 2.50 -17.47
N LEU B 361 20.73 2.91 -16.50
CA LEU B 361 21.00 4.10 -15.71
C LEU B 361 21.75 3.68 -14.45
N TRP B 362 21.54 2.44 -14.01
CA TRP B 362 22.18 1.96 -12.80
C TRP B 362 22.12 0.43 -12.79
N GLN B 363 23.07 -0.19 -12.11
CA GLN B 363 23.11 -1.64 -12.04
C GLN B 363 23.90 -2.11 -10.86
N ARG B 364 23.63 -3.33 -10.42
CA ARG B 364 24.37 -3.89 -9.32
C ARG B 364 24.35 -5.40 -9.49
N TYR B 365 25.51 -6.02 -9.30
CA TYR B 365 25.62 -7.47 -9.39
C TYR B 365 25.83 -8.00 -7.99
N MET B 366 25.11 -9.06 -7.63
CA MET B 366 25.22 -9.66 -6.31
C MET B 366 25.38 -11.17 -6.46
N SER B 367 26.23 -11.76 -5.64
CA SER B 367 26.40 -13.20 -5.69
C SER B 367 26.25 -13.76 -4.27
N ALA B 368 25.87 -15.03 -4.17
CA ALA B 368 25.71 -15.67 -2.87
C ALA B 368 27.05 -15.83 -2.15
#